data_6T79
#
_entry.id   6T79
#
_cell.length_a   1.00
_cell.length_b   1.00
_cell.length_c   1.00
_cell.angle_alpha   90.00
_cell.angle_beta   90.00
_cell.angle_gamma   90.00
#
_symmetry.space_group_name_H-M   'P 1'
#
loop_
_entity.id
_entity.type
_entity.pdbx_description
1 polymer 'Histone H3.2'
2 polymer 'Histone H4'
3 polymer 'Histone H2A type 1-B/E'
4 polymer 'Histone H2B type 1-K'
5 polymer 'DNA (147-MER)'
6 polymer 'DNA (147-MER)'
#
loop_
_entity_poly.entity_id
_entity_poly.type
_entity_poly.pdbx_seq_one_letter_code
_entity_poly.pdbx_strand_id
1 'polypeptide(L)'
;MARTKQTARKSTGGKAPRKQLATKAARKSAPATGGVKKPHRYRPGTVALREIRRYQKSTELLIRKLPFQRLVREIAQDFK
TDLRFQSSAVMALQEASEAYLVGLFEDTNLAAIHAKRVTIMPKDIQLARRIRGERA
;
A,E
2 'polypeptide(L)'
;MSGRGKGGKGLGKGGAKRHRKVLRDNIQGITKPAIRRLARRGGVKRISGLIYEETRGVLKVFLENVIRDAVTYTEHAKRK
TVTAMDVVYALKRQGRTLYGFGG
;
B,F
3 'polypeptide(L)'
;MGSSHHHHHHENLYFQSNAPWMSGRGKQGGKARAKAKTRSSRAGLQFPVGRVHRLLRKGNYSERVGAGAPVYLAAVLEYL
TAEILELAGNAARDNKKTRIIPRHLQLAIRNDEELNKLLGRVTIAQGGVLPNIQAVLLPKKTESHHKAKGK
;
C,G
4 'polypeptide(L)'
;MPEPAKSAPAPKKGSKKAVTKAQKKDGKKRKRSRKESYSVYVYKVLKQVHPDTGISSKAMGIMNSFVNDIFERIAGEASR
LAHYNKRSTITSREIQTAVRLLLPGELAKHAVSEGTKAVTKYTSAK
;
D,H
5 'polydeoxyribonucleotide'
;(DA)(DT)(DC)(DT)(DA)(DC)(DA)(DC)(DG)(DA)(DC)(DG)(DC)(DT)(DC)(DT)(DT)(DC)(DC)(DG)
(DA)(DT)(DC)(DT)(DA)(DA)(DT)(DT)(DT)(DA)(DT)(DG)(DT)(DT)(DT)(DG)(DT)(DT)(DA)(DG)
(DC)(DG)(DT)(DT)(DA)(DT)(DA)(DC)(DT)(DA)(DT)(DT)(DC)(DT)(DA)(DA)(DT)(DT)(DC)(DT)
(DT)(DT)(DG)(DT)(DT)(DT)(DC)(DG)(DG)(DT)(DG)(DG)(DT)(DA)(DT)(DT)(DG)(DT)(DT)(DT)
(DA)(DT)(DT)(DT)(DT)(DG)(DT)(DT)(DC)(DC)(DT)(DT)(DT)(DG)(DT)(DG)(DC)(DG)(DT)(DT)
(DC)(DA)(DG)(DC)(DT)(DT)(DA)(DA)(DT)(DG)(DC)(DC)(DT)(DA)(DA)(DC)(DG)(DA)(DC)(DA)
(DC)(DT)(DC)(DG)(DG)(DA)(DG)(DA)(DT)(DC)(DG)(DG)(DA)(DA)(DG)(DA)(DG)(DC)(DA)(DC)
(DA)(DC)(DG)(DT)(DG)(DA)(DT)
;
I
6 'polydeoxyribonucleotide'
;(DA)(DT)(DC)(DA)(DC)(DG)(DT)(DG)(DT)(DG)(DC)(DT)(DC)(DT)(DT)(DC)(DC)(DG)(DA)(DT)
(DC)(DT)(DC)(DC)(DG)(DA)(DG)(DT)(DG)(DT)(DC)(DG)(DT)(DT)(DA)(DG)(DG)(DC)(DA)(DT)
(DT)(DA)(DA)(DG)(DC)(DT)(DG)(DA)(DA)(DC)(DG)(DC)(DA)(DC)(DA)(DA)(DA)(DG)(DG)(DA)
(DA)(DC)(DA)(DA)(DA)(DA)(DT)(DA)(DA)(DA)(DC)(DA)(DA)(DT)(DA)(DC)(DC)(DA)(DC)(DC)
(DG)(DA)(DA)(DA)(DC)(DA)(DA)(DA)(DG)(DA)(DA)(DT)(DT)(DA)(DG)(DA)(DA)(DT)(DA)(DG)
(DT)(DA)(DT)(DA)(DA)(DC)(DG)(DC)(DT)(DA)(DA)(DC)(DA)(DA)(DA)(DC)(DA)(DT)(DA)(DA)
(DA)(DT)(DT)(DA)(DG)(DA)(DT)(DC)(DG)(DG)(DA)(DA)(DG)(DA)(DG)(DC)(DG)(DT)(DC)(DG)
(DT)(DG)(DT)(DA)(DG)(DA)(DT)
;
J
#
loop_
_chem_comp.id
_chem_comp.type
_chem_comp.name
_chem_comp.formula
DA DNA linking 2'-DEOXYADENOSINE-5'-MONOPHOSPHATE 'C10 H14 N5 O6 P'
DC DNA linking 2'-DEOXYCYTIDINE-5'-MONOPHOSPHATE 'C9 H14 N3 O7 P'
DG DNA linking 2'-DEOXYGUANOSINE-5'-MONOPHOSPHATE 'C10 H14 N5 O7 P'
DT DNA linking THYMIDINE-5'-MONOPHOSPHATE 'C10 H15 N2 O8 P'
#
# COMPACT_ATOMS: atom_id res chain seq x y z
N LYS A 38 -51.47 20.50 -20.78
CA LYS A 38 -50.75 19.53 -19.96
C LYS A 38 -49.24 19.76 -20.09
N PRO A 39 -48.55 19.88 -18.95
CA PRO A 39 -47.09 20.04 -19.00
C PRO A 39 -46.37 18.74 -19.31
N HIS A 40 -45.05 18.78 -19.30
CA HIS A 40 -44.21 17.63 -19.65
C HIS A 40 -43.34 17.28 -18.45
N ARG A 41 -43.43 16.04 -18.00
CA ARG A 41 -42.59 15.54 -16.92
C ARG A 41 -41.98 14.21 -17.33
N TYR A 42 -40.75 13.98 -16.90
CA TYR A 42 -40.10 12.71 -17.12
C TYR A 42 -40.49 11.71 -16.03
N ARG A 43 -39.89 10.57 -16.06
CA ARG A 43 -40.00 9.52 -15.07
C ARG A 43 -38.78 9.53 -14.16
N PRO A 44 -38.93 9.14 -12.89
CA PRO A 44 -37.79 9.16 -11.96
C PRO A 44 -36.72 8.15 -12.36
N GLY A 45 -35.51 8.65 -12.54
CA GLY A 45 -34.40 7.87 -13.02
C GLY A 45 -33.90 8.24 -14.40
N THR A 46 -34.76 8.85 -15.21
CA THR A 46 -34.39 9.18 -16.58
C THR A 46 -33.44 10.37 -16.63
N VAL A 47 -33.80 11.48 -15.96
CA VAL A 47 -32.91 12.62 -15.83
C VAL A 47 -31.70 12.25 -14.98
N ALA A 48 -31.89 11.32 -14.03
CA ALA A 48 -30.77 10.80 -13.25
C ALA A 48 -29.77 10.06 -14.14
N LEU A 49 -30.27 9.22 -15.06
CA LEU A 49 -29.38 8.53 -16.00
C LEU A 49 -28.73 9.49 -16.98
N ARG A 50 -29.46 10.54 -17.37
CA ARG A 50 -28.88 11.56 -18.25
C ARG A 50 -27.75 12.30 -17.57
N GLU A 51 -27.93 12.66 -16.30
CA GLU A 51 -26.86 13.28 -15.54
C GLU A 51 -25.72 12.31 -15.24
N ILE A 52 -26.02 11.01 -15.11
CA ILE A 52 -24.97 10.00 -14.98
C ILE A 52 -24.08 10.03 -16.22
N ARG A 53 -24.69 10.00 -17.41
CA ARG A 53 -23.93 10.03 -18.65
C ARG A 53 -23.20 11.36 -18.84
N ARG A 54 -23.81 12.47 -18.43
CA ARG A 54 -23.19 13.78 -18.61
C ARG A 54 -22.00 13.99 -17.67
N TYR A 55 -22.16 13.67 -16.39
CA TYR A 55 -21.06 13.85 -15.45
C TYR A 55 -20.00 12.76 -15.57
N GLN A 56 -20.34 11.60 -16.15
CA GLN A 56 -19.31 10.65 -16.53
C GLN A 56 -18.58 11.10 -17.79
N LYS A 57 -19.26 11.87 -18.64
CA LYS A 57 -18.63 12.38 -19.85
C LYS A 57 -17.76 13.59 -19.59
N SER A 58 -18.16 14.44 -18.66
CA SER A 58 -17.49 15.70 -18.41
C SER A 58 -16.47 15.57 -17.28
N THR A 59 -15.57 16.56 -17.20
CA THR A 59 -14.49 16.54 -16.22
C THR A 59 -14.49 17.75 -15.29
N GLU A 60 -15.59 18.49 -15.20
CA GLU A 60 -15.64 19.64 -14.31
C GLU A 60 -15.82 19.22 -12.86
N LEU A 61 -15.38 20.08 -11.96
CA LEU A 61 -15.60 19.87 -10.54
C LEU A 61 -17.06 20.12 -10.20
N LEU A 62 -17.60 19.30 -9.30
CA LEU A 62 -19.04 19.28 -9.04
C LEU A 62 -19.43 20.01 -7.78
N ILE A 63 -18.48 20.35 -6.92
CA ILE A 63 -18.72 21.20 -5.75
C ILE A 63 -18.15 22.57 -6.04
N ARG A 64 -18.80 23.60 -5.52
CA ARG A 64 -18.34 24.96 -5.73
C ARG A 64 -17.10 25.22 -4.89
N LYS A 65 -16.20 26.07 -5.40
CA LYS A 65 -14.89 26.23 -4.78
C LYS A 65 -14.96 27.06 -3.51
N LEU A 66 -15.88 28.01 -3.43
CA LEU A 66 -15.99 28.89 -2.28
C LEU A 66 -16.52 28.20 -1.01
N PRO A 67 -17.44 27.23 -1.05
CA PRO A 67 -17.67 26.44 0.17
C PRO A 67 -16.48 25.59 0.57
N PHE A 68 -15.76 25.05 -0.41
CA PHE A 68 -14.67 24.14 -0.12
C PHE A 68 -13.49 24.85 0.49
N GLN A 69 -13.22 26.10 0.09
CA GLN A 69 -12.15 26.87 0.71
C GLN A 69 -12.44 27.13 2.19
N ARG A 70 -13.67 27.53 2.50
CA ARG A 70 -14.05 27.77 3.88
C ARG A 70 -14.08 26.48 4.71
N LEU A 71 -14.44 25.36 4.09
CA LEU A 71 -14.44 24.10 4.83
C LEU A 71 -13.03 23.61 5.15
N VAL A 72 -12.11 23.71 4.18
CA VAL A 72 -10.72 23.38 4.42
C VAL A 72 -10.11 24.34 5.44
N ARG A 73 -10.49 25.62 5.39
CA ARG A 73 -9.99 26.59 6.35
C ARG A 73 -10.54 26.33 7.75
N GLU A 74 -11.76 25.82 7.86
CA GLU A 74 -12.31 25.45 9.17
C GLU A 74 -11.60 24.22 9.72
N ILE A 75 -11.36 23.22 8.86
CA ILE A 75 -10.78 21.97 9.30
C ILE A 75 -9.32 22.17 9.73
N ALA A 76 -8.57 23.00 8.99
CA ALA A 76 -7.16 23.17 9.32
C ALA A 76 -6.93 24.01 10.58
N GLN A 77 -7.96 24.71 11.09
CA GLN A 77 -7.80 25.48 12.31
C GLN A 77 -7.68 24.60 13.55
N ASP A 78 -8.12 23.34 13.47
CA ASP A 78 -7.94 22.39 14.56
C ASP A 78 -6.47 22.07 14.80
N PHE A 79 -5.65 22.14 13.76
CA PHE A 79 -4.24 21.79 13.87
C PHE A 79 -3.31 22.99 13.90
N LYS A 80 -3.68 24.08 13.23
CA LYS A 80 -2.89 25.30 13.28
C LYS A 80 -3.79 26.47 12.87
N THR A 81 -3.78 27.54 13.67
CA THR A 81 -4.55 28.72 13.34
C THR A 81 -3.71 29.70 12.53
N ASP A 82 -4.41 30.55 11.78
CA ASP A 82 -3.84 31.52 10.83
C ASP A 82 -2.95 30.83 9.79
N LEU A 83 -3.58 29.93 9.04
CA LEU A 83 -2.94 29.20 7.96
C LEU A 83 -3.43 29.76 6.62
N ARG A 84 -2.53 30.34 5.85
CA ARG A 84 -2.87 30.69 4.49
C ARG A 84 -2.80 29.45 3.61
N PHE A 85 -3.55 29.47 2.52
CA PHE A 85 -3.57 28.39 1.55
C PHE A 85 -3.25 28.92 0.18
N GLN A 86 -2.43 28.18 -0.57
CA GLN A 86 -2.34 28.42 -1.99
C GLN A 86 -3.65 28.04 -2.66
N SER A 87 -3.91 28.65 -3.81
CA SER A 87 -5.09 28.28 -4.58
C SER A 87 -4.94 26.87 -5.13
N SER A 88 -3.73 26.53 -5.58
CA SER A 88 -3.45 25.20 -6.10
C SER A 88 -3.56 24.11 -5.03
N ALA A 89 -3.27 24.43 -3.76
CA ALA A 89 -3.42 23.44 -2.70
C ALA A 89 -4.87 23.09 -2.45
N VAL A 90 -5.75 24.10 -2.40
CA VAL A 90 -7.17 23.84 -2.23
C VAL A 90 -7.74 23.18 -3.49
N MET A 91 -7.17 23.50 -4.67
CA MET A 91 -7.57 22.82 -5.89
C MET A 91 -7.20 21.35 -5.88
N ALA A 92 -5.99 21.01 -5.42
CA ALA A 92 -5.57 19.62 -5.32
C ALA A 92 -6.41 18.86 -4.29
N LEU A 93 -6.70 19.50 -3.15
CA LEU A 93 -7.60 18.92 -2.16
C LEU A 93 -8.98 18.67 -2.75
N GLN A 94 -9.47 19.58 -3.60
CA GLN A 94 -10.78 19.41 -4.20
C GLN A 94 -10.81 18.25 -5.19
N GLU A 95 -9.79 18.15 -6.04
CA GLU A 95 -9.73 17.03 -7.00
C GLU A 95 -9.61 15.69 -6.29
N ALA A 96 -8.76 15.62 -5.27
CA ALA A 96 -8.56 14.36 -4.56
C ALA A 96 -9.78 13.97 -3.74
N SER A 97 -10.44 14.94 -3.11
CA SER A 97 -11.64 14.66 -2.34
C SER A 97 -12.80 14.25 -3.24
N GLU A 98 -12.93 14.88 -4.40
CA GLU A 98 -13.96 14.50 -5.36
C GLU A 98 -13.70 13.10 -5.92
N ALA A 99 -12.44 12.78 -6.22
CA ALA A 99 -12.11 11.46 -6.74
C ALA A 99 -12.35 10.37 -5.70
N TYR A 100 -11.97 10.65 -4.44
CA TYR A 100 -12.23 9.72 -3.35
C TYR A 100 -13.72 9.48 -3.15
N LEU A 101 -14.52 10.55 -3.20
CA LEU A 101 -15.96 10.38 -3.04
C LEU A 101 -16.59 9.64 -4.21
N VAL A 102 -16.09 9.86 -5.42
CA VAL A 102 -16.63 9.17 -6.60
C VAL A 102 -16.30 7.68 -6.57
N GLY A 103 -15.05 7.35 -6.20
CA GLY A 103 -14.69 5.94 -6.05
C GLY A 103 -15.42 5.24 -4.92
N LEU A 104 -15.65 5.95 -3.81
CA LEU A 104 -16.45 5.40 -2.73
C LEU A 104 -17.89 5.20 -3.15
N PHE A 105 -18.44 6.08 -3.99
CA PHE A 105 -19.80 5.87 -4.47
C PHE A 105 -19.88 4.76 -5.50
N GLU A 106 -18.79 4.49 -6.23
CA GLU A 106 -18.76 3.32 -7.10
C GLU A 106 -18.79 2.02 -6.29
N ASP A 107 -17.95 1.94 -5.25
CA ASP A 107 -17.97 0.76 -4.37
C ASP A 107 -19.29 0.63 -3.62
N THR A 108 -19.88 1.76 -3.23
CA THR A 108 -21.19 1.79 -2.60
C THR A 108 -22.28 1.30 -3.53
N ASN A 109 -22.20 1.66 -4.81
CA ASN A 109 -23.17 1.16 -5.78
C ASN A 109 -23.02 -0.32 -6.02
N LEU A 110 -21.78 -0.84 -6.03
CA LEU A 110 -21.58 -2.29 -6.10
C LEU A 110 -22.18 -3.00 -4.89
N ALA A 111 -21.92 -2.48 -3.69
CA ALA A 111 -22.45 -3.06 -2.47
C ALA A 111 -23.96 -2.90 -2.34
N ALA A 112 -24.56 -1.96 -3.06
CA ALA A 112 -26.01 -1.81 -3.05
C ALA A 112 -26.68 -2.69 -4.10
N ILE A 113 -26.02 -2.91 -5.24
CA ILE A 113 -26.52 -3.85 -6.23
C ILE A 113 -26.45 -5.27 -5.69
N HIS A 114 -25.43 -5.56 -4.87
CA HIS A 114 -25.32 -6.86 -4.22
C HIS A 114 -26.46 -7.12 -3.25
N ALA A 115 -27.05 -6.09 -2.67
CA ALA A 115 -28.15 -6.23 -1.73
C ALA A 115 -29.51 -6.17 -2.41
N LYS A 116 -29.56 -6.38 -3.74
CA LYS A 116 -30.79 -6.36 -4.54
C LYS A 116 -31.55 -5.05 -4.43
N ARG A 117 -30.81 -3.94 -4.42
CA ARG A 117 -31.40 -2.61 -4.38
C ARG A 117 -30.71 -1.74 -5.42
N VAL A 118 -31.37 -0.64 -5.79
CA VAL A 118 -30.76 0.33 -6.68
C VAL A 118 -30.36 1.62 -5.96
N THR A 119 -30.99 1.94 -4.85
CA THR A 119 -30.60 3.12 -4.10
C THR A 119 -29.41 2.77 -3.20
N ILE A 120 -28.75 3.80 -2.71
CA ILE A 120 -27.63 3.61 -1.79
C ILE A 120 -28.07 4.05 -0.40
N MET A 121 -27.69 3.27 0.59
CA MET A 121 -28.05 3.46 1.98
C MET A 121 -26.80 3.67 2.81
N PRO A 122 -26.93 4.17 4.05
CA PRO A 122 -25.74 4.28 4.92
C PRO A 122 -25.01 2.99 5.21
N LYS A 123 -25.72 1.86 5.30
CA LYS A 123 -25.04 0.60 5.53
C LYS A 123 -24.21 0.17 4.31
N ASP A 124 -24.56 0.62 3.12
CA ASP A 124 -23.74 0.35 1.94
C ASP A 124 -22.40 1.08 2.02
N ILE A 125 -22.42 2.34 2.46
CA ILE A 125 -21.18 3.10 2.63
C ILE A 125 -20.35 2.51 3.75
N GLN A 126 -20.99 2.09 4.83
CA GLN A 126 -20.27 1.50 5.94
C GLN A 126 -19.68 0.13 5.59
N LEU A 127 -20.40 -0.67 4.79
CA LEU A 127 -19.86 -1.95 4.32
C LEU A 127 -18.69 -1.75 3.37
N ALA A 128 -18.81 -0.79 2.44
CA ALA A 128 -17.70 -0.50 1.54
C ALA A 128 -16.48 -0.01 2.28
N ARG A 129 -16.68 0.80 3.32
CA ARG A 129 -15.55 1.24 4.13
C ARG A 129 -15.01 0.15 5.05
N ARG A 130 -15.82 -0.87 5.39
CA ARG A 130 -15.32 -2.00 6.15
C ARG A 130 -14.47 -2.93 5.29
N ILE A 131 -14.97 -3.28 4.10
CA ILE A 131 -14.23 -4.17 3.20
C ILE A 131 -12.98 -3.48 2.68
N ARG A 132 -13.03 -2.17 2.46
CA ARG A 132 -11.84 -1.43 2.05
C ARG A 132 -10.78 -1.39 3.15
N GLY A 133 -11.19 -1.53 4.41
CA GLY A 133 -10.24 -1.58 5.50
C GLY A 133 -9.79 -0.21 5.97
N GLU A 134 -10.72 0.73 6.06
CA GLU A 134 -10.40 2.08 6.50
C GLU A 134 -10.94 2.41 7.88
N ARG A 135 -12.13 1.92 8.22
CA ARG A 135 -12.64 2.14 9.58
C ARG A 135 -12.33 0.95 10.46
N HIS B 19 -8.06 40.45 10.37
CA HIS B 19 -7.62 39.07 10.21
C HIS B 19 -8.06 38.22 11.40
N ARG B 20 -8.78 38.84 12.33
CA ARG B 20 -9.35 38.12 13.47
C ARG B 20 -10.61 37.40 13.00
N LYS B 21 -10.39 36.24 12.37
CA LYS B 21 -11.48 35.48 11.76
C LYS B 21 -11.38 34.03 12.17
N VAL B 22 -12.47 33.51 12.74
CA VAL B 22 -12.60 32.10 13.08
C VAL B 22 -13.89 31.59 12.45
N LEU B 23 -13.79 30.53 11.66
CA LEU B 23 -14.94 29.98 10.95
C LEU B 23 -15.56 28.85 11.75
N ARG B 24 -16.84 28.59 11.47
CA ARG B 24 -17.57 27.51 12.14
C ARG B 24 -18.71 27.03 11.26
N ASP B 25 -18.88 25.70 11.23
CA ASP B 25 -19.98 25.00 10.57
C ASP B 25 -20.04 25.30 9.07
N ASN B 26 -18.89 25.12 8.41
CA ASN B 26 -18.84 25.24 6.96
C ASN B 26 -19.12 23.92 6.25
N ILE B 27 -19.48 22.87 7.01
CA ILE B 27 -19.76 21.58 6.41
C ILE B 27 -21.07 21.61 5.63
N GLN B 28 -21.96 22.55 5.93
CA GLN B 28 -23.22 22.65 5.20
C GLN B 28 -23.06 23.39 3.88
N GLY B 29 -21.90 23.99 3.63
CA GLY B 29 -21.67 24.65 2.36
C GLY B 29 -21.55 23.68 1.21
N ILE B 30 -21.09 22.46 1.47
CA ILE B 30 -21.15 21.40 0.48
C ILE B 30 -22.55 20.81 0.54
N THR B 31 -23.34 21.08 -0.48
CA THR B 31 -24.78 20.94 -0.41
C THR B 31 -25.23 19.58 -0.91
N LYS B 32 -26.51 19.29 -0.70
CA LYS B 32 -27.12 18.09 -1.26
C LYS B 32 -27.15 18.08 -2.78
N PRO B 33 -27.44 19.17 -3.52
CA PRO B 33 -27.20 19.12 -4.97
C PRO B 33 -25.74 19.03 -5.36
N ALA B 34 -24.81 19.42 -4.50
CA ALA B 34 -23.40 19.23 -4.79
C ALA B 34 -22.90 17.85 -4.42
N ILE B 35 -23.71 17.06 -3.71
CA ILE B 35 -23.35 15.69 -3.39
C ILE B 35 -24.03 14.71 -4.36
N ARG B 36 -25.22 15.06 -4.85
CA ARG B 36 -25.87 14.23 -5.86
C ARG B 36 -25.10 14.19 -7.18
N ARG B 37 -24.39 15.26 -7.53
CA ARG B 37 -23.55 15.21 -8.72
C ARG B 37 -22.28 14.38 -8.51
N LEU B 38 -21.70 14.44 -7.31
CA LEU B 38 -20.58 13.56 -6.98
C LEU B 38 -21.00 12.10 -6.96
N ALA B 39 -22.24 11.82 -6.58
CA ALA B 39 -22.74 10.45 -6.63
C ALA B 39 -23.07 10.01 -8.04
N ARG B 40 -23.58 10.92 -8.87
CA ARG B 40 -23.95 10.54 -10.22
C ARG B 40 -22.77 10.50 -11.17
N ARG B 41 -21.64 11.09 -10.80
CA ARG B 41 -20.41 10.80 -11.55
C ARG B 41 -19.97 9.36 -11.31
N GLY B 42 -20.15 8.85 -10.09
CA GLY B 42 -19.83 7.47 -9.79
C GLY B 42 -20.81 6.44 -10.29
N GLY B 43 -21.89 6.86 -10.91
CA GLY B 43 -22.86 5.94 -11.45
C GLY B 43 -24.00 5.58 -10.54
N VAL B 44 -24.29 6.40 -9.53
CA VAL B 44 -25.38 6.10 -8.62
C VAL B 44 -26.69 6.66 -9.19
N LYS B 45 -27.65 5.78 -9.41
CA LYS B 45 -28.93 6.17 -10.00
C LYS B 45 -29.89 6.77 -8.99
N ARG B 46 -29.91 6.23 -7.78
CA ARG B 46 -30.86 6.64 -6.75
C ARG B 46 -30.12 6.79 -5.43
N ILE B 47 -30.43 7.84 -4.69
CA ILE B 47 -29.72 8.20 -3.47
C ILE B 47 -30.74 8.42 -2.36
N SER B 48 -30.62 7.69 -1.27
CA SER B 48 -31.53 7.93 -0.15
C SER B 48 -31.13 9.20 0.60
N GLY B 49 -31.96 9.59 1.57
CA GLY B 49 -31.83 10.90 2.17
C GLY B 49 -30.85 10.98 3.32
N LEU B 50 -30.53 9.85 3.95
CA LEU B 50 -29.54 9.82 5.01
C LEU B 50 -28.11 9.80 4.49
N ILE B 51 -27.93 9.80 3.17
CA ILE B 51 -26.62 9.71 2.58
C ILE B 51 -25.85 11.01 2.79
N TYR B 52 -26.54 12.15 2.89
CA TYR B 52 -25.88 13.43 2.73
C TYR B 52 -25.05 13.83 3.95
N GLU B 53 -25.63 13.73 5.15
CA GLU B 53 -24.87 14.04 6.36
C GLU B 53 -23.75 13.03 6.61
N GLU B 54 -24.01 11.77 6.27
CA GLU B 54 -22.99 10.73 6.33
C GLU B 54 -21.83 11.02 5.39
N THR B 55 -22.14 11.47 4.17
CA THR B 55 -21.12 11.76 3.19
C THR B 55 -20.33 13.00 3.57
N ARG B 56 -21.00 13.97 4.19
CA ARG B 56 -20.30 15.11 4.77
C ARG B 56 -19.36 14.68 5.88
N GLY B 57 -19.76 13.71 6.71
CA GLY B 57 -18.86 13.19 7.73
C GLY B 57 -17.70 12.38 7.17
N VAL B 58 -17.96 11.60 6.11
CA VAL B 58 -16.93 10.80 5.47
C VAL B 58 -15.91 11.69 4.79
N LEU B 59 -16.39 12.70 4.06
CA LEU B 59 -15.52 13.71 3.48
C LEU B 59 -14.77 14.49 4.54
N LYS B 60 -15.41 14.75 5.69
CA LYS B 60 -14.77 15.48 6.77
C LYS B 60 -13.63 14.68 7.38
N VAL B 61 -13.81 13.38 7.63
CA VAL B 61 -12.74 12.60 8.23
C VAL B 61 -11.61 12.35 7.23
N PHE B 62 -11.94 12.23 5.93
CA PHE B 62 -10.90 12.14 4.91
C PHE B 62 -10.09 13.42 4.83
N LEU B 63 -10.78 14.57 4.90
CA LEU B 63 -10.10 15.85 4.82
C LEU B 63 -9.28 16.12 6.08
N GLU B 64 -9.75 15.67 7.25
CA GLU B 64 -8.95 15.82 8.46
C GLU B 64 -7.68 14.98 8.42
N ASN B 65 -7.75 13.75 7.88
CA ASN B 65 -6.56 12.95 7.69
C ASN B 65 -5.56 13.60 6.75
N VAL B 66 -6.04 14.02 5.57
CA VAL B 66 -5.14 14.57 4.54
C VAL B 66 -4.59 15.93 4.96
N ILE B 67 -5.42 16.79 5.56
CA ILE B 67 -4.97 18.11 5.96
C ILE B 67 -4.10 18.03 7.21
N ARG B 68 -4.33 17.07 8.10
CA ARG B 68 -3.41 16.89 9.23
C ARG B 68 -2.04 16.45 8.74
N ASP B 69 -1.99 15.55 7.76
CA ASP B 69 -0.72 15.18 7.17
C ASP B 69 -0.07 16.37 6.45
N ALA B 70 -0.85 17.19 5.76
CA ALA B 70 -0.30 18.32 5.01
C ALA B 70 0.17 19.45 5.92
N VAL B 71 -0.53 19.70 7.03
CA VAL B 71 -0.09 20.69 7.99
C VAL B 71 1.15 20.20 8.72
N THR B 72 1.27 18.89 8.93
CA THR B 72 2.52 18.32 9.44
C THR B 72 3.66 18.51 8.46
N TYR B 73 3.38 18.31 7.17
CA TYR B 73 4.39 18.46 6.12
C TYR B 73 4.85 19.91 5.99
N THR B 74 3.94 20.88 6.15
CA THR B 74 4.33 22.28 6.04
C THR B 74 4.79 22.88 7.35
N GLU B 75 4.56 22.20 8.49
CA GLU B 75 5.17 22.61 9.74
C GLU B 75 6.60 22.11 9.83
N HIS B 76 6.90 20.96 9.22
CA HIS B 76 8.29 20.55 9.12
C HIS B 76 9.06 21.48 8.18
N ALA B 77 8.39 22.08 7.20
CA ALA B 77 9.04 22.98 6.26
C ALA B 77 9.18 24.40 6.79
N LYS B 78 8.73 24.65 8.03
CA LYS B 78 8.78 25.96 8.70
C LYS B 78 8.04 27.04 7.91
N ARG B 79 6.99 26.65 7.20
CA ARG B 79 6.16 27.58 6.44
C ARG B 79 4.83 27.78 7.14
N LYS B 80 4.19 28.90 6.84
CA LYS B 80 2.86 29.18 7.37
C LYS B 80 1.77 29.01 6.33
N THR B 81 2.12 28.66 5.10
CA THR B 81 1.13 28.35 4.07
C THR B 81 1.25 26.89 3.68
N VAL B 82 0.16 26.35 3.15
CA VAL B 82 0.11 24.99 2.69
C VAL B 82 0.33 24.97 1.18
N THR B 83 1.38 24.29 0.74
CA THR B 83 1.70 24.16 -0.67
C THR B 83 0.79 23.08 -1.27
N ALA B 84 0.65 23.11 -2.60
CA ALA B 84 0.02 21.99 -3.27
C ALA B 84 0.89 20.73 -3.23
N MET B 85 2.21 20.90 -3.14
CA MET B 85 3.09 19.75 -3.01
C MET B 85 2.90 19.05 -1.68
N ASP B 86 2.59 19.79 -0.62
CA ASP B 86 2.27 19.17 0.66
C ASP B 86 1.02 18.33 0.60
N VAL B 87 0.01 18.76 -0.16
CA VAL B 87 -1.18 17.95 -0.35
C VAL B 87 -0.86 16.72 -1.18
N VAL B 88 -0.02 16.87 -2.21
CA VAL B 88 0.39 15.75 -3.05
C VAL B 88 1.13 14.69 -2.23
N TYR B 89 2.04 15.12 -1.36
CA TYR B 89 2.77 14.17 -0.51
C TYR B 89 1.88 13.56 0.55
N ALA B 90 0.94 14.33 1.10
CA ALA B 90 -0.01 13.81 2.06
C ALA B 90 -0.93 12.77 1.46
N LEU B 91 -1.22 12.87 0.17
CA LEU B 91 -2.00 11.86 -0.51
C LEU B 91 -1.16 10.67 -0.94
N LYS B 92 0.11 10.90 -1.27
CA LYS B 92 1.02 9.80 -1.59
C LYS B 92 1.30 8.94 -0.36
N ARG B 93 1.31 9.55 0.82
CA ARG B 93 1.54 8.82 2.06
C ARG B 93 0.42 7.82 2.35
N GLN B 94 -0.80 8.13 1.93
CA GLN B 94 -1.94 7.26 2.15
C GLN B 94 -2.20 6.29 1.01
N GLY B 95 -1.35 6.26 0.00
CA GLY B 95 -1.59 5.41 -1.16
C GLY B 95 -2.70 5.93 -2.04
N ARG B 96 -2.75 7.24 -2.26
CA ARG B 96 -3.77 7.88 -3.10
C ARG B 96 -3.11 8.91 -4.01
N THR B 97 -2.09 8.44 -4.74
CA THR B 97 -1.24 9.28 -5.61
C THR B 97 -2.05 10.10 -6.60
N LEU B 98 -1.76 11.40 -6.64
CA LEU B 98 -2.49 12.37 -7.44
C LEU B 98 -1.60 12.90 -8.55
N TYR B 99 -2.09 12.86 -9.78
CA TYR B 99 -1.37 13.36 -10.95
C TYR B 99 -1.98 14.68 -11.38
N GLY B 100 -1.13 15.70 -11.52
CA GLY B 100 -1.58 16.96 -12.07
C GLY B 100 -1.09 18.18 -11.34
N PHE B 101 -0.35 17.98 -10.24
CA PHE B 101 0.06 19.10 -9.40
C PHE B 101 1.54 19.03 -9.03
N GLY B 102 2.33 18.21 -9.72
CA GLY B 102 3.74 18.12 -9.43
C GLY B 102 4.13 16.80 -8.78
N LYS C 31 45.89 2.82 24.62
CA LYS C 31 45.86 4.13 25.28
C LYS C 31 44.81 4.18 26.38
N ALA C 32 45.14 4.85 27.48
CA ALA C 32 44.20 5.02 28.58
C ALA C 32 43.13 6.04 28.20
N ARG C 33 41.87 5.66 28.31
CA ARG C 33 40.74 6.51 27.99
C ARG C 33 40.10 7.05 29.27
N ALA C 34 38.95 7.68 29.10
CA ALA C 34 38.06 7.99 30.22
C ALA C 34 37.18 6.77 30.48
N LYS C 35 36.14 6.95 31.29
CA LYS C 35 35.23 5.86 31.58
C LYS C 35 34.35 5.55 30.37
N ALA C 36 34.24 4.27 30.03
CA ALA C 36 33.41 3.86 28.91
C ALA C 36 31.94 3.81 29.34
N LYS C 37 31.07 4.28 28.45
CA LYS C 37 29.65 4.35 28.75
C LYS C 37 28.90 4.33 27.42
N THR C 38 27.98 3.38 27.25
CA THR C 38 27.26 3.26 26.00
C THR C 38 26.29 4.41 25.82
N ARG C 39 26.00 4.72 24.55
CA ARG C 39 25.07 5.79 24.22
C ARG C 39 23.64 5.46 24.61
N SER C 40 23.29 4.18 24.73
CA SER C 40 21.98 3.83 25.22
C SER C 40 21.85 4.01 26.73
N SER C 41 22.98 4.08 27.44
CA SER C 41 22.95 4.33 28.88
C SER C 41 22.88 5.81 29.20
N ARG C 42 23.40 6.67 28.30
CA ARG C 42 23.28 8.11 28.51
C ARG C 42 21.84 8.57 28.37
N ALA C 43 21.07 7.97 27.47
CA ALA C 43 19.69 8.32 27.25
C ALA C 43 18.74 7.56 28.16
N GLY C 44 19.25 6.64 28.97
CA GLY C 44 18.39 5.84 29.82
C GLY C 44 17.56 4.84 29.05
N LEU C 45 18.12 4.23 28.01
CA LEU C 45 17.39 3.34 27.14
C LEU C 45 17.91 1.91 27.27
N GLN C 46 17.03 0.96 26.95
CA GLN C 46 17.41 -0.44 26.86
C GLN C 46 17.81 -0.83 25.44
N PHE C 47 17.21 -0.20 24.44
CA PHE C 47 17.48 -0.44 23.03
C PHE C 47 18.78 0.23 22.62
N PRO C 48 19.56 -0.39 21.72
CA PRO C 48 20.90 0.13 21.41
C PRO C 48 20.86 1.35 20.53
N VAL C 49 21.55 2.42 20.96
CA VAL C 49 21.65 3.60 20.12
C VAL C 49 22.67 3.36 19.00
N GLY C 50 23.76 2.66 19.31
CA GLY C 50 24.80 2.44 18.31
C GLY C 50 24.39 1.53 17.18
N ARG C 51 23.60 0.50 17.48
CA ARG C 51 23.14 -0.40 16.43
C ARG C 51 22.12 0.27 15.52
N VAL C 52 21.25 1.11 16.09
CA VAL C 52 20.30 1.85 15.26
C VAL C 52 21.01 2.90 14.42
N HIS C 53 22.07 3.52 14.96
CA HIS C 53 22.90 4.42 14.15
C HIS C 53 23.61 3.69 13.02
N ARG C 54 24.10 2.47 13.29
CA ARG C 54 24.73 1.66 12.25
C ARG C 54 23.74 1.25 11.17
N LEU C 55 22.54 0.81 11.57
CA LEU C 55 21.52 0.43 10.61
C LEU C 55 20.93 1.60 9.86
N LEU C 56 21.03 2.81 10.40
CA LEU C 56 20.64 4.01 9.65
C LEU C 56 21.72 4.42 8.67
N ARG C 57 22.98 4.33 9.05
CA ARG C 57 24.06 4.71 8.15
C ARG C 57 24.25 3.72 7.02
N LYS C 58 24.03 2.43 7.26
CA LYS C 58 24.18 1.42 6.23
C LYS C 58 22.86 1.00 5.62
N GLY C 59 21.80 1.77 5.82
CA GLY C 59 20.50 1.45 5.28
C GLY C 59 20.09 2.25 4.06
N ASN C 60 20.94 3.17 3.59
CA ASN C 60 20.73 4.01 2.41
C ASN C 60 19.46 4.85 2.53
N TYR C 61 19.49 5.76 3.50
CA TYR C 61 18.41 6.70 3.73
C TYR C 61 18.81 8.14 3.46
N SER C 62 20.01 8.53 3.85
CA SER C 62 20.54 9.86 3.55
C SER C 62 22.06 9.77 3.61
N GLU C 63 22.73 10.85 3.20
CA GLU C 63 24.17 10.87 3.33
C GLU C 63 24.59 11.13 4.76
N ARG C 64 23.74 11.81 5.53
CA ARG C 64 24.05 12.17 6.91
C ARG C 64 22.92 11.74 7.82
N VAL C 65 23.27 11.35 9.04
CA VAL C 65 22.31 11.04 10.09
C VAL C 65 22.73 11.79 11.33
N GLY C 66 21.84 12.62 11.86
CA GLY C 66 22.15 13.41 13.03
C GLY C 66 22.26 12.58 14.29
N ALA C 67 22.83 13.17 15.33
CA ALA C 67 23.11 12.44 16.56
C ALA C 67 21.86 12.17 17.38
N GLY C 68 20.86 13.04 17.29
CA GLY C 68 19.62 12.79 18.01
C GLY C 68 18.68 11.84 17.33
N ALA C 69 18.93 11.54 16.06
CA ALA C 69 18.07 10.61 15.33
C ALA C 69 18.09 9.19 15.87
N PRO C 70 19.27 8.53 16.16
CA PRO C 70 19.18 7.16 16.68
C PRO C 70 18.66 7.10 18.11
N VAL C 71 18.94 8.13 18.91
CA VAL C 71 18.40 8.20 20.26
C VAL C 71 16.89 8.33 20.23
N TYR C 72 16.38 9.18 19.36
CA TYR C 72 14.94 9.36 19.20
C TYR C 72 14.28 8.09 18.67
N LEU C 73 14.91 7.45 17.68
CA LEU C 73 14.33 6.27 17.06
C LEU C 73 14.38 5.06 18.00
N ALA C 74 15.46 4.92 18.77
CA ALA C 74 15.53 3.85 19.76
C ALA C 74 14.56 4.07 20.91
N ALA C 75 14.33 5.32 21.30
CA ALA C 75 13.32 5.59 22.32
C ALA C 75 11.92 5.28 21.82
N VAL C 76 11.62 5.60 20.56
CA VAL C 76 10.32 5.28 19.98
C VAL C 76 10.15 3.76 19.85
N LEU C 77 11.22 3.06 19.46
CA LEU C 77 11.15 1.61 19.32
C LEU C 77 11.03 0.91 20.66
N GLU C 78 11.71 1.40 21.70
CA GLU C 78 11.57 0.83 23.03
C GLU C 78 10.19 1.10 23.60
N TYR C 79 9.63 2.29 23.35
CA TYR C 79 8.27 2.59 23.80
C TYR C 79 7.25 1.69 23.10
N LEU C 80 7.44 1.45 21.80
CA LEU C 80 6.51 0.60 21.07
C LEU C 80 6.62 -0.85 21.49
N THR C 81 7.84 -1.34 21.72
CA THR C 81 8.03 -2.72 22.16
C THR C 81 7.51 -2.91 23.59
N ALA C 82 7.63 -1.89 24.45
CA ALA C 82 7.07 -1.97 25.78
C ALA C 82 5.54 -1.89 25.76
N GLU C 83 4.98 -1.12 24.83
CA GLU C 83 3.53 -1.02 24.68
C GLU C 83 2.96 -2.35 24.20
N ILE C 84 3.70 -3.05 23.33
CA ILE C 84 3.30 -4.39 22.92
C ILE C 84 3.40 -5.39 24.07
N LEU C 85 4.55 -5.45 24.73
CA LEU C 85 4.79 -6.47 25.74
C LEU C 85 3.96 -6.27 26.99
N GLU C 86 3.61 -5.02 27.33
CA GLU C 86 2.79 -4.76 28.50
C GLU C 86 1.36 -5.27 28.34
N LEU C 87 0.88 -5.37 27.11
CA LEU C 87 -0.42 -5.98 26.87
C LEU C 87 -0.32 -7.47 26.58
N ALA C 88 0.80 -7.91 26.00
CA ALA C 88 1.00 -9.34 25.80
C ALA C 88 1.16 -10.09 27.11
N GLY C 89 1.85 -9.49 28.09
CA GLY C 89 1.92 -10.09 29.41
C GLY C 89 0.59 -10.12 30.12
N ASN C 90 -0.27 -9.12 29.86
CA ASN C 90 -1.61 -9.14 30.43
C ASN C 90 -2.47 -10.22 29.80
N ALA C 91 -2.33 -10.44 28.50
CA ALA C 91 -3.03 -11.56 27.86
C ALA C 91 -2.53 -12.91 28.36
N ALA C 92 -1.21 -13.03 28.58
CA ALA C 92 -0.67 -14.28 29.11
C ALA C 92 -1.12 -14.54 30.54
N ARG C 93 -1.19 -13.48 31.36
CA ARG C 93 -1.65 -13.63 32.74
C ARG C 93 -3.14 -13.87 32.80
N ASP C 94 -3.91 -13.33 31.84
CA ASP C 94 -5.33 -13.62 31.78
C ASP C 94 -5.57 -15.07 31.35
N ASN C 95 -4.69 -15.63 30.54
CA ASN C 95 -4.85 -17.01 30.09
C ASN C 95 -4.11 -18.00 31.00
N LYS C 96 -3.80 -17.59 32.24
CA LYS C 96 -3.11 -18.42 33.25
C LYS C 96 -1.77 -18.96 32.75
N LYS C 97 -0.99 -18.12 32.10
CA LYS C 97 0.27 -18.54 31.52
C LYS C 97 1.39 -17.60 31.92
N THR C 98 2.56 -18.18 32.18
CA THR C 98 3.73 -17.42 32.59
C THR C 98 4.73 -17.27 31.44
N ARG C 99 4.26 -17.38 30.20
CA ARG C 99 5.15 -17.30 29.06
C ARG C 99 4.39 -16.78 27.85
N ILE C 100 5.02 -15.89 27.09
CA ILE C 100 4.37 -15.25 25.95
C ILE C 100 4.57 -16.12 24.72
N ILE C 101 3.48 -16.44 24.04
CA ILE C 101 3.48 -17.20 22.79
C ILE C 101 2.99 -16.23 21.71
N PRO C 102 3.09 -16.57 20.41
CA PRO C 102 2.54 -15.67 19.37
C PRO C 102 1.05 -15.36 19.48
N ARG C 103 0.26 -16.26 20.06
CA ARG C 103 -1.16 -15.98 20.26
C ARG C 103 -1.36 -14.80 21.21
N HIS C 104 -0.49 -14.67 22.21
CA HIS C 104 -0.57 -13.54 23.12
C HIS C 104 -0.20 -12.22 22.44
N LEU C 105 0.75 -12.25 21.50
CA LEU C 105 1.07 -11.04 20.74
C LEU C 105 -0.06 -10.64 19.81
N GLN C 106 -0.71 -11.61 19.16
CA GLN C 106 -1.86 -11.29 18.32
C GLN C 106 -3.03 -10.77 19.15
N LEU C 107 -3.25 -11.35 20.34
CA LEU C 107 -4.29 -10.86 21.23
C LEU C 107 -3.98 -9.46 21.77
N ALA C 108 -2.71 -9.14 21.97
CA ALA C 108 -2.35 -7.80 22.40
C ALA C 108 -2.49 -6.78 21.28
N ILE C 109 -2.20 -7.18 20.05
CA ILE C 109 -2.21 -6.22 18.95
C ILE C 109 -3.62 -5.95 18.47
N ARG C 110 -4.42 -6.99 18.22
CA ARG C 110 -5.73 -6.77 17.62
C ARG C 110 -6.77 -6.27 18.60
N ASN C 111 -6.50 -6.29 19.90
CA ASN C 111 -7.43 -5.75 20.87
C ASN C 111 -7.21 -4.27 21.16
N ASP C 112 -5.97 -3.81 21.12
CA ASP C 112 -5.67 -2.39 21.22
C ASP C 112 -6.25 -1.66 20.03
N GLU C 113 -6.82 -0.49 20.29
CA GLU C 113 -7.52 0.23 19.23
C GLU C 113 -6.52 0.89 18.30
N GLU C 114 -5.40 1.37 18.81
CA GLU C 114 -4.48 2.16 18.01
C GLU C 114 -3.23 1.41 17.59
N LEU C 115 -2.93 0.27 18.20
CA LEU C 115 -1.93 -0.62 17.65
C LEU C 115 -2.45 -1.40 16.45
N ASN C 116 -3.76 -1.55 16.34
CA ASN C 116 -4.34 -2.23 15.19
C ASN C 116 -4.28 -1.36 13.93
N LYS C 117 -4.21 -0.04 14.08
CA LYS C 117 -4.00 0.81 12.91
C LYS C 117 -2.57 0.77 12.44
N LEU C 118 -1.63 0.56 13.35
CA LEU C 118 -0.22 0.48 12.99
C LEU C 118 0.10 -0.86 12.34
N LEU C 119 -0.61 -1.92 12.72
CA LEU C 119 -0.33 -3.26 12.24
C LEU C 119 -1.58 -3.89 11.63
N GLY C 120 -2.28 -3.16 10.76
CA GLY C 120 -3.46 -3.69 10.14
C GLY C 120 -3.18 -4.60 8.96
N ARG C 121 -2.06 -4.38 8.27
CA ARG C 121 -1.66 -5.19 7.12
C ARG C 121 -0.56 -6.17 7.47
N VAL C 122 -0.54 -6.69 8.69
CA VAL C 122 0.54 -7.53 9.18
C VAL C 122 -0.05 -8.87 9.60
N THR C 123 0.55 -9.96 9.11
CA THR C 123 0.17 -11.32 9.47
C THR C 123 1.15 -11.86 10.51
N ILE C 124 0.61 -12.42 11.59
CA ILE C 124 1.40 -13.05 12.64
C ILE C 124 1.28 -14.55 12.51
N ALA C 125 2.42 -15.24 12.46
CA ALA C 125 2.42 -16.69 12.33
C ALA C 125 2.12 -17.34 13.67
N GLN C 126 1.33 -18.43 13.61
CA GLN C 126 0.81 -19.17 14.77
C GLN C 126 0.03 -18.25 15.72
N GLY C 127 -0.64 -17.25 15.17
CA GLY C 127 -1.26 -16.23 16.00
C GLY C 127 -2.77 -16.33 16.05
N GLY C 128 -3.37 -16.87 15.01
CA GLY C 128 -4.81 -17.00 14.99
C GLY C 128 -5.49 -15.66 14.82
N VAL C 129 -6.80 -15.68 15.07
CA VAL C 129 -7.62 -14.48 14.99
C VAL C 129 -8.24 -14.23 16.37
N LEU C 130 -8.87 -13.08 16.50
CA LEU C 130 -9.62 -12.79 17.72
C LEU C 130 -10.88 -13.64 17.76
N PRO C 131 -11.35 -14.00 18.95
CA PRO C 131 -12.67 -14.61 19.07
C PRO C 131 -13.74 -13.60 18.73
N ASN C 132 -14.34 -13.76 17.54
CA ASN C 132 -15.16 -12.69 16.97
C ASN C 132 -16.27 -13.36 16.16
N ILE C 133 -17.41 -13.56 16.79
CA ILE C 133 -18.60 -14.08 16.13
C ILE C 133 -19.57 -12.91 15.96
N GLN C 134 -20.10 -12.76 14.75
CA GLN C 134 -21.05 -11.70 14.47
C GLN C 134 -22.36 -11.97 15.21
N ALA C 135 -23.06 -10.89 15.56
CA ALA C 135 -24.24 -10.99 16.41
C ALA C 135 -25.42 -11.62 15.68
N VAL C 136 -25.41 -11.63 14.35
CA VAL C 136 -26.49 -12.29 13.61
C VAL C 136 -26.30 -13.79 13.52
N LEU C 137 -25.08 -14.30 13.73
CA LEU C 137 -24.82 -15.73 13.66
C LEU C 137 -25.10 -16.45 14.97
N LEU C 138 -25.26 -15.73 16.07
CA LEU C 138 -25.51 -16.36 17.36
C LEU C 138 -26.92 -16.95 17.37
N PRO C 139 -27.14 -18.04 18.12
CA PRO C 139 -28.46 -18.68 18.14
C PRO C 139 -29.49 -17.82 18.87
N LYS C 140 -30.75 -18.19 18.66
CA LYS C 140 -31.87 -17.35 19.05
C LYS C 140 -32.49 -17.83 20.36
N LYS D 31 32.04 -20.13 13.19
CA LYS D 31 32.61 -20.19 11.85
C LYS D 31 31.73 -19.46 10.84
N ARG D 32 30.42 -19.51 11.04
CA ARG D 32 29.47 -18.88 10.13
C ARG D 32 29.29 -17.41 10.51
N SER D 33 28.39 -16.73 9.83
CA SER D 33 28.11 -15.33 10.13
C SER D 33 27.25 -15.21 11.39
N ARG D 34 27.53 -14.19 12.18
CA ARG D 34 26.82 -13.95 13.42
C ARG D 34 25.45 -13.37 13.10
N LYS D 35 24.41 -13.98 13.67
CA LYS D 35 23.05 -13.71 13.25
C LYS D 35 22.52 -12.60 14.15
N GLU D 36 22.72 -11.35 13.77
CA GLU D 36 22.36 -10.24 14.64
C GLU D 36 20.85 -10.11 14.75
N SER D 37 20.40 -9.63 15.90
CA SER D 37 18.99 -9.67 16.23
C SER D 37 18.70 -8.59 17.26
N TYR D 38 17.46 -8.58 17.74
CA TYR D 38 17.01 -7.68 18.78
C TYR D 38 16.51 -8.44 20.00
N SER D 39 17.02 -9.65 20.21
CA SER D 39 16.39 -10.56 21.16
C SER D 39 16.73 -10.22 22.61
N VAL D 40 17.93 -9.71 22.86
CA VAL D 40 18.31 -9.41 24.24
C VAL D 40 17.65 -8.12 24.72
N TYR D 41 17.27 -7.23 23.81
CA TYR D 41 16.69 -5.95 24.19
C TYR D 41 15.21 -6.09 24.49
N VAL D 42 14.52 -6.97 23.76
CA VAL D 42 13.15 -7.30 24.10
C VAL D 42 13.11 -8.07 25.42
N TYR D 43 14.16 -8.82 25.72
CA TYR D 43 14.24 -9.49 27.02
C TYR D 43 14.55 -8.50 28.13
N LYS D 44 15.35 -7.47 27.86
CA LYS D 44 15.62 -6.45 28.87
C LYS D 44 14.40 -5.61 29.17
N VAL D 45 13.59 -5.33 28.15
CA VAL D 45 12.41 -4.50 28.34
C VAL D 45 11.31 -5.28 29.06
N LEU D 46 11.21 -6.59 28.78
CA LEU D 46 10.19 -7.43 29.41
C LEU D 46 10.42 -7.56 30.90
N LYS D 47 11.68 -7.57 31.36
CA LYS D 47 11.96 -7.63 32.79
C LYS D 47 11.66 -6.32 33.49
N GLN D 48 11.71 -5.20 32.78
CA GLN D 48 11.29 -3.93 33.35
C GLN D 48 9.78 -3.85 33.48
N VAL D 49 9.05 -4.59 32.65
CA VAL D 49 7.60 -4.47 32.59
C VAL D 49 6.97 -5.60 33.39
N HIS D 50 7.34 -6.84 33.08
CA HIS D 50 6.81 -8.02 33.76
C HIS D 50 8.00 -8.88 34.21
N PRO D 51 8.44 -8.74 35.46
CA PRO D 51 9.59 -9.52 35.93
C PRO D 51 9.28 -10.98 36.20
N ASP D 52 8.02 -11.41 36.05
CA ASP D 52 7.62 -12.79 36.30
C ASP D 52 7.29 -13.55 35.03
N THR D 53 7.17 -12.87 33.89
CA THR D 53 6.68 -13.48 32.65
C THR D 53 7.84 -13.74 31.71
N GLY D 54 7.92 -14.95 31.19
CA GLY D 54 8.90 -15.29 30.18
C GLY D 54 8.34 -15.12 28.77
N ILE D 55 9.17 -15.45 27.79
CA ILE D 55 8.81 -15.31 26.39
C ILE D 55 9.31 -16.54 25.64
N SER D 56 8.67 -16.84 24.52
CA SER D 56 9.03 -18.00 23.71
C SER D 56 10.20 -17.66 22.79
N SER D 57 10.45 -18.57 21.85
CA SER D 57 11.37 -18.25 20.76
C SER D 57 10.61 -17.75 19.54
N LYS D 58 9.42 -18.29 19.30
CA LYS D 58 8.57 -17.83 18.21
C LYS D 58 8.09 -16.40 18.45
N ALA D 59 7.64 -16.10 19.68
CA ALA D 59 7.26 -14.74 20.03
C ALA D 59 8.46 -13.81 20.00
N MET D 60 9.65 -14.29 20.31
CA MET D 60 10.84 -13.45 20.19
C MET D 60 11.16 -13.13 18.73
N GLY D 61 10.98 -14.10 17.83
CA GLY D 61 11.12 -13.80 16.42
C GLY D 61 10.08 -12.85 15.88
N ILE D 62 8.85 -12.94 16.40
CA ILE D 62 7.79 -12.03 15.97
C ILE D 62 8.07 -10.61 16.45
N MET D 63 8.53 -10.46 17.70
CA MET D 63 8.94 -9.13 18.17
C MET D 63 10.17 -8.61 17.42
N ASN D 64 11.06 -9.50 16.99
CA ASN D 64 12.18 -9.11 16.16
C ASN D 64 11.73 -8.54 14.82
N SER D 65 10.82 -9.23 14.15
CA SER D 65 10.27 -8.71 12.89
C SER D 65 9.44 -7.45 13.09
N PHE D 66 8.81 -7.29 14.27
CA PHE D 66 8.05 -6.09 14.59
C PHE D 66 8.96 -4.87 14.67
N VAL D 67 10.05 -4.98 15.44
CA VAL D 67 11.03 -3.90 15.54
C VAL D 67 11.68 -3.62 14.20
N ASN D 68 12.00 -4.68 13.43
CA ASN D 68 12.63 -4.50 12.13
C ASN D 68 11.70 -3.90 11.10
N ASP D 69 10.38 -4.04 11.26
CA ASP D 69 9.45 -3.45 10.31
C ASP D 69 9.15 -1.99 10.65
N ILE D 70 9.00 -1.67 11.93
CA ILE D 70 8.70 -0.27 12.25
C ILE D 70 9.96 0.61 12.14
N PHE D 71 11.15 0.05 12.34
CA PHE D 71 12.38 0.77 12.03
C PHE D 71 12.44 1.13 10.55
N GLU D 72 12.08 0.19 9.67
CA GLU D 72 12.02 0.44 8.24
C GLU D 72 11.00 1.50 7.86
N ARG D 73 9.80 1.45 8.47
CA ARG D 73 8.77 2.45 8.20
C ARG D 73 9.22 3.85 8.59
N ILE D 74 9.70 4.02 9.82
CA ILE D 74 10.06 5.35 10.32
C ILE D 74 11.29 5.88 9.60
N ALA D 75 12.28 5.02 9.33
CA ALA D 75 13.47 5.49 8.64
C ALA D 75 13.22 5.83 7.18
N GLY D 76 12.38 5.05 6.48
CA GLY D 76 12.06 5.40 5.10
C GLY D 76 11.24 6.67 5.00
N GLU D 77 10.30 6.87 5.93
CA GLU D 77 9.47 8.07 5.83
C GLU D 77 10.24 9.31 6.26
N ALA D 78 11.17 9.18 7.20
CA ALA D 78 12.07 10.29 7.50
C ALA D 78 13.03 10.59 6.37
N SER D 79 13.47 9.56 5.64
CA SER D 79 14.33 9.78 4.47
C SER D 79 13.59 10.54 3.37
N ARG D 80 12.34 10.18 3.10
CA ARG D 80 11.61 10.94 2.10
C ARG D 80 11.18 12.31 2.60
N LEU D 81 11.06 12.50 3.92
CA LEU D 81 10.92 13.85 4.47
C LEU D 81 12.15 14.70 4.22
N ALA D 82 13.33 14.11 4.39
CA ALA D 82 14.55 14.86 4.10
C ALA D 82 14.71 15.12 2.61
N HIS D 83 14.19 14.22 1.78
CA HIS D 83 14.27 14.41 0.33
C HIS D 83 13.31 15.48 -0.16
N TYR D 84 12.14 15.61 0.47
CA TYR D 84 11.16 16.63 0.04
C TYR D 84 11.68 18.04 0.31
N ASN D 85 12.16 18.30 1.52
CA ASN D 85 12.63 19.62 1.90
C ASN D 85 14.07 19.86 1.50
N LYS D 86 14.66 18.96 0.71
CA LYS D 86 15.98 19.10 0.09
C LYS D 86 17.10 19.25 1.10
N ARG D 87 16.90 18.67 2.28
CA ARG D 87 17.95 18.52 3.27
C ARG D 87 18.71 17.23 3.00
N SER D 88 19.98 17.20 3.37
CA SER D 88 20.78 16.00 3.22
C SER D 88 21.12 15.36 4.56
N THR D 89 20.30 15.60 5.58
CA THR D 89 20.54 15.09 6.91
C THR D 89 19.22 14.68 7.53
N ILE D 90 19.16 13.46 8.04
CA ILE D 90 18.03 13.02 8.86
C ILE D 90 18.37 13.38 10.29
N THR D 91 17.60 14.30 10.85
CA THR D 91 17.83 14.85 12.18
C THR D 91 16.65 14.39 13.05
N SER D 92 16.69 14.77 14.33
CA SER D 92 15.64 14.45 15.29
C SER D 92 14.29 15.04 14.90
N ARG D 93 14.29 16.18 14.18
CA ARG D 93 13.04 16.75 13.68
C ARG D 93 12.38 15.84 12.64
N GLU D 94 13.19 15.23 11.76
CA GLU D 94 12.64 14.33 10.75
C GLU D 94 12.08 13.07 11.38
N ILE D 95 12.73 12.55 12.41
CA ILE D 95 12.21 11.38 13.13
C ILE D 95 10.94 11.74 13.87
N GLN D 96 10.87 12.94 14.45
CA GLN D 96 9.67 13.37 15.16
C GLN D 96 8.49 13.56 14.20
N THR D 97 8.74 14.17 13.04
CA THR D 97 7.70 14.36 12.04
C THR D 97 7.26 13.03 11.45
N ALA D 98 8.19 12.08 11.26
CA ALA D 98 7.83 10.77 10.75
C ALA D 98 7.02 9.96 11.76
N VAL D 99 7.33 10.10 13.06
CA VAL D 99 6.52 9.49 14.10
C VAL D 99 5.13 10.10 14.13
N ARG D 100 5.04 11.43 13.96
CA ARG D 100 3.74 12.08 13.93
C ARG D 100 2.93 11.70 12.70
N LEU D 101 3.59 11.44 11.58
CA LEU D 101 2.88 11.00 10.38
C LEU D 101 2.46 9.54 10.46
N LEU D 102 3.27 8.68 11.07
CA LEU D 102 3.03 7.24 11.06
C LEU D 102 2.18 6.76 12.23
N LEU D 103 2.55 7.11 13.45
CA LEU D 103 1.83 6.56 14.59
C LEU D 103 0.52 7.31 14.80
N PRO D 104 -0.56 6.60 15.11
CA PRO D 104 -1.86 7.25 15.25
C PRO D 104 -2.21 7.66 16.67
N GLY D 105 -2.85 8.83 16.82
CA GLY D 105 -3.55 9.17 18.06
C GLY D 105 -2.64 9.40 19.24
N GLU D 106 -2.96 8.71 20.34
CA GLU D 106 -2.23 8.80 21.60
C GLU D 106 -0.79 8.35 21.48
N LEU D 107 -0.55 7.37 20.61
CA LEU D 107 0.78 6.78 20.44
C LEU D 107 1.78 7.79 19.93
N ALA D 108 1.35 8.71 19.05
CA ALA D 108 2.25 9.72 18.50
C ALA D 108 2.71 10.70 19.56
N LYS D 109 1.80 11.21 20.40
CA LYS D 109 2.23 12.16 21.40
C LYS D 109 2.97 11.48 22.55
N HIS D 110 2.60 10.25 22.91
CA HIS D 110 3.40 9.52 23.90
C HIS D 110 4.79 9.19 23.36
N ALA D 111 4.89 8.89 22.07
CA ALA D 111 6.18 8.63 21.45
C ALA D 111 7.02 9.88 21.30
N VAL D 112 6.42 11.05 21.03
CA VAL D 112 7.27 12.24 20.94
C VAL D 112 7.68 12.71 22.33
N SER D 113 6.87 12.43 23.36
CA SER D 113 7.34 12.69 24.72
C SER D 113 8.51 11.78 25.09
N GLU D 114 8.38 10.47 24.81
CA GLU D 114 9.41 9.49 25.10
C GLU D 114 10.68 9.75 24.28
N GLY D 115 10.54 10.30 23.08
CA GLY D 115 11.68 10.66 22.28
C GLY D 115 12.37 11.94 22.72
N THR D 116 11.60 13.02 22.93
CA THR D 116 12.16 14.28 23.36
C THR D 116 12.78 14.22 24.74
N LYS D 117 12.19 13.45 25.66
CA LYS D 117 12.78 13.33 26.99
C LYS D 117 14.09 12.56 26.94
N ALA D 118 14.18 11.56 26.06
CA ALA D 118 15.44 10.85 25.87
C ALA D 118 16.48 11.70 25.16
N VAL D 119 16.05 12.58 24.25
CA VAL D 119 17.00 13.47 23.57
C VAL D 119 17.54 14.51 24.54
N THR D 120 16.71 15.04 25.44
CA THR D 120 17.22 15.95 26.47
C THR D 120 18.11 15.24 27.49
N LYS D 121 17.74 14.01 27.88
CA LYS D 121 18.57 13.26 28.80
C LYS D 121 19.89 12.84 28.17
N TYR D 122 19.93 12.69 26.85
CA TYR D 122 21.17 12.40 26.16
C TYR D 122 22.01 13.65 25.94
N THR D 123 21.36 14.80 25.78
CA THR D 123 22.10 16.05 25.59
C THR D 123 22.59 16.67 26.89
N SER D 124 22.00 16.30 28.04
CA SER D 124 22.55 16.74 29.31
C SER D 124 23.86 16.03 29.63
N ALA D 125 23.98 14.76 29.24
CA ALA D 125 25.17 13.97 29.51
C ALA D 125 26.20 14.12 28.40
N PRO E 39 -30.40 -41.80 19.52
CA PRO E 39 -29.60 -40.90 18.67
C PRO E 39 -29.57 -39.47 19.21
N HIS E 40 -28.41 -38.83 19.14
CA HIS E 40 -28.22 -37.48 19.64
C HIS E 40 -27.65 -36.58 18.55
N ARG E 41 -28.32 -36.57 17.40
CA ARG E 41 -28.00 -35.61 16.35
C ARG E 41 -28.27 -34.19 16.84
N TYR E 42 -27.32 -33.30 16.61
CA TYR E 42 -27.49 -31.91 16.97
C TYR E 42 -28.33 -31.18 15.94
N ARG E 43 -28.58 -29.92 16.20
CA ARG E 43 -29.21 -29.05 15.22
C ARG E 43 -28.15 -28.54 14.25
N PRO E 44 -28.54 -28.25 13.00
CA PRO E 44 -27.56 -27.75 12.03
C PRO E 44 -27.06 -26.36 12.40
N GLY E 45 -25.74 -26.24 12.50
CA GLY E 45 -25.10 -25.00 12.84
C GLY E 45 -24.57 -24.92 14.25
N THR E 46 -24.95 -25.86 15.13
CA THR E 46 -24.52 -25.79 16.53
C THR E 46 -23.07 -26.19 16.67
N VAL E 47 -22.68 -27.35 16.15
CA VAL E 47 -21.29 -27.74 16.17
C VAL E 47 -20.49 -26.93 15.15
N ALA E 48 -21.16 -26.30 14.18
CA ALA E 48 -20.51 -25.29 13.35
C ALA E 48 -20.09 -24.09 14.19
N LEU E 49 -20.95 -23.63 15.10
CA LEU E 49 -20.57 -22.56 16.02
C LEU E 49 -19.49 -23.01 16.99
N ARG E 50 -19.53 -24.27 17.42
CA ARG E 50 -18.47 -24.79 18.28
C ARG E 50 -17.15 -24.88 17.54
N GLU E 51 -17.18 -25.21 16.25
CA GLU E 51 -15.99 -25.19 15.43
C GLU E 51 -15.48 -23.78 15.21
N ILE E 52 -16.39 -22.81 15.08
CA ILE E 52 -16.02 -21.40 15.00
C ILE E 52 -15.23 -21.00 16.24
N ARG E 53 -15.77 -21.31 17.43
CA ARG E 53 -15.10 -21.01 18.68
C ARG E 53 -13.77 -21.75 18.85
N ARG E 54 -13.72 -23.02 18.43
CA ARG E 54 -12.52 -23.82 18.61
C ARG E 54 -11.39 -23.39 17.67
N TYR E 55 -11.68 -23.24 16.38
CA TYR E 55 -10.66 -22.81 15.44
C TYR E 55 -10.35 -21.33 15.55
N GLN E 56 -11.21 -20.54 16.21
CA GLN E 56 -10.83 -19.19 16.55
C GLN E 56 -9.91 -19.17 17.77
N LYS E 57 -10.13 -20.09 18.71
CA LYS E 57 -9.23 -20.22 19.85
C LYS E 57 -7.89 -20.82 19.45
N SER E 58 -7.87 -21.68 18.43
CA SER E 58 -6.68 -22.41 18.04
C SER E 58 -5.73 -21.53 17.23
N THR E 59 -4.49 -22.00 17.10
CA THR E 59 -3.47 -21.29 16.36
C THR E 59 -2.72 -22.20 15.38
N GLU E 60 -3.25 -23.38 15.09
CA GLU E 60 -2.58 -24.35 14.24
C GLU E 60 -2.86 -24.07 12.77
N LEU E 61 -2.15 -24.79 11.91
CA LEU E 61 -2.48 -24.80 10.48
C LEU E 61 -3.63 -25.76 10.23
N LEU E 62 -4.50 -25.39 9.30
CA LEU E 62 -5.69 -26.20 9.03
C LEU E 62 -5.60 -27.01 7.75
N ILE E 63 -4.72 -26.65 6.84
CA ILE E 63 -4.41 -27.48 5.68
C ILE E 63 -3.31 -28.44 6.08
N ARG E 64 -3.39 -29.68 5.60
CA ARG E 64 -2.30 -30.61 5.84
C ARG E 64 -1.10 -30.23 4.98
N LYS E 65 0.09 -30.49 5.53
CA LYS E 65 1.33 -30.00 4.91
C LYS E 65 1.67 -30.75 3.61
N LEU E 66 1.27 -32.02 3.49
CA LEU E 66 1.60 -32.79 2.31
C LEU E 66 0.78 -32.44 1.06
N PRO E 67 -0.53 -32.11 1.15
CA PRO E 67 -1.15 -31.53 -0.05
C PRO E 67 -0.59 -30.17 -0.43
N PHE E 68 -0.32 -29.31 0.55
CA PHE E 68 0.11 -27.95 0.26
C PHE E 68 1.51 -27.92 -0.33
N GLN E 69 2.39 -28.84 0.11
CA GLN E 69 3.73 -28.88 -0.46
C GLN E 69 3.71 -29.30 -1.92
N ARG E 70 2.88 -30.28 -2.26
CA ARG E 70 2.75 -30.69 -3.66
C ARG E 70 2.03 -29.63 -4.50
N LEU E 71 1.11 -28.86 -3.91
CA LEU E 71 0.45 -27.80 -4.65
C LEU E 71 1.42 -26.65 -4.98
N VAL E 72 2.24 -26.25 -4.02
CA VAL E 72 3.27 -25.25 -4.28
C VAL E 72 4.29 -25.78 -5.27
N ARG E 73 4.63 -27.07 -5.19
CA ARG E 73 5.59 -27.63 -6.14
C ARG E 73 5.00 -27.74 -7.55
N GLU E 74 3.68 -27.89 -7.66
CA GLU E 74 3.04 -27.88 -8.97
C GLU E 74 3.02 -26.48 -9.55
N ILE E 75 2.67 -25.48 -8.72
CA ILE E 75 2.54 -24.11 -9.20
C ILE E 75 3.89 -23.53 -9.59
N ALA E 76 4.93 -23.79 -8.81
CA ALA E 76 6.23 -23.18 -9.07
C ALA E 76 6.97 -23.79 -10.25
N GLN E 77 6.47 -24.89 -10.83
CA GLN E 77 7.15 -25.49 -11.98
C GLN E 77 7.05 -24.61 -13.22
N ASP E 78 5.94 -23.87 -13.37
CA ASP E 78 5.70 -23.06 -14.55
C ASP E 78 6.63 -21.86 -14.65
N PHE E 79 7.22 -21.43 -13.54
CA PHE E 79 8.17 -20.34 -13.56
C PHE E 79 9.61 -20.80 -13.56
N LYS E 80 9.90 -21.96 -12.97
CA LYS E 80 11.21 -22.58 -13.04
C LYS E 80 11.06 -24.05 -12.69
N THR E 81 11.63 -24.93 -13.53
CA THR E 81 11.60 -26.35 -13.26
C THR E 81 12.79 -26.75 -12.39
N ASP E 82 12.63 -27.88 -11.69
CA ASP E 82 13.57 -28.41 -10.70
C ASP E 82 13.83 -27.39 -9.59
N LEU E 83 12.78 -27.09 -8.83
CA LEU E 83 12.81 -26.08 -7.79
C LEU E 83 12.73 -26.76 -6.42
N ARG E 84 13.86 -26.84 -5.73
CA ARG E 84 13.85 -27.30 -4.36
C ARG E 84 13.31 -26.19 -3.45
N PHE E 85 12.68 -26.60 -2.36
CA PHE E 85 12.10 -25.67 -1.40
C PHE E 85 12.69 -25.91 -0.01
N GLN E 86 12.97 -24.82 0.69
CA GLN E 86 13.13 -24.92 2.13
C GLN E 86 11.79 -25.32 2.74
N SER E 87 11.84 -26.08 3.83
CA SER E 87 10.61 -26.47 4.50
C SER E 87 9.93 -25.29 5.16
N SER E 88 10.72 -24.36 5.71
CA SER E 88 10.21 -23.14 6.29
C SER E 88 9.56 -22.23 5.26
N ALA E 89 10.02 -22.27 4.00
CA ALA E 89 9.38 -21.49 2.95
C ALA E 89 7.98 -22.00 2.65
N VAL E 90 7.80 -23.32 2.62
CA VAL E 90 6.46 -23.86 2.42
C VAL E 90 5.60 -23.62 3.65
N MET E 91 6.21 -23.60 4.84
CA MET E 91 5.47 -23.22 6.05
C MET E 91 5.02 -21.76 6.00
N ALA E 92 5.86 -20.88 5.46
CA ALA E 92 5.50 -19.47 5.35
C ALA E 92 4.41 -19.25 4.32
N LEU E 93 4.52 -19.94 3.16
CA LEU E 93 3.45 -19.93 2.17
C LEU E 93 2.15 -20.46 2.73
N GLN E 94 2.20 -21.50 3.57
CA GLN E 94 1.00 -22.04 4.16
C GLN E 94 0.37 -21.07 5.15
N GLU E 95 1.19 -20.49 6.03
CA GLU E 95 0.68 -19.53 7.01
C GLU E 95 0.08 -18.29 6.33
N ALA E 96 0.76 -17.77 5.32
CA ALA E 96 0.26 -16.60 4.61
C ALA E 96 -0.98 -16.91 3.78
N SER E 97 -1.04 -18.07 3.14
CA SER E 97 -2.21 -18.44 2.35
C SER E 97 -3.42 -18.67 3.25
N GLU E 98 -3.22 -19.30 4.41
CA GLU E 98 -4.31 -19.50 5.35
C GLU E 98 -4.78 -18.19 5.95
N ALA E 99 -3.86 -17.26 6.23
CA ALA E 99 -4.27 -15.96 6.75
C ALA E 99 -5.01 -15.14 5.71
N TYR E 100 -4.54 -15.16 4.46
CA TYR E 100 -5.24 -14.50 3.36
C TYR E 100 -6.64 -15.06 3.18
N LEU E 101 -6.78 -16.38 3.23
CA LEU E 101 -8.09 -16.99 3.06
C LEU E 101 -9.01 -16.73 4.24
N VAL E 102 -8.47 -16.65 5.46
CA VAL E 102 -9.29 -16.38 6.62
C VAL E 102 -9.78 -14.93 6.60
N GLY E 103 -8.91 -13.98 6.22
CA GLY E 103 -9.34 -12.61 6.07
C GLY E 103 -10.35 -12.41 4.95
N LEU E 104 -10.15 -13.11 3.83
CA LEU E 104 -11.13 -13.05 2.75
C LEU E 104 -12.45 -13.68 3.15
N PHE E 105 -12.44 -14.72 3.98
CA PHE E 105 -13.70 -15.28 4.46
C PHE E 105 -14.37 -14.38 5.48
N GLU E 106 -13.62 -13.59 6.24
CA GLU E 106 -14.23 -12.57 7.10
C GLU E 106 -14.94 -11.50 6.27
N ASP E 107 -14.27 -10.99 5.24
CA ASP E 107 -14.89 -10.02 4.34
C ASP E 107 -16.08 -10.61 3.60
N THR E 108 -15.98 -11.87 3.21
CA THR E 108 -17.08 -12.59 2.55
C THR E 108 -18.27 -12.75 3.49
N ASN E 109 -18.00 -13.04 4.76
CA ASN E 109 -19.08 -13.16 5.74
C ASN E 109 -19.78 -11.83 5.97
N LEU E 110 -19.01 -10.74 6.00
CA LEU E 110 -19.61 -9.41 6.09
C LEU E 110 -20.48 -9.08 4.87
N ALA E 111 -19.97 -9.36 3.67
CA ALA E 111 -20.72 -9.12 2.45
C ALA E 111 -21.94 -10.03 2.31
N ALA E 112 -21.94 -11.19 2.95
CA ALA E 112 -23.12 -12.04 2.95
C ALA E 112 -24.12 -11.66 4.03
N ILE E 113 -23.65 -11.13 5.16
CA ILE E 113 -24.56 -10.62 6.18
C ILE E 113 -25.28 -9.38 5.65
N HIS E 114 -24.58 -8.55 4.87
CA HIS E 114 -25.20 -7.37 4.26
C HIS E 114 -26.32 -7.73 3.29
N ALA E 115 -26.22 -8.89 2.63
CA ALA E 115 -27.24 -9.32 1.69
C ALA E 115 -28.37 -10.10 2.37
N LYS E 116 -28.51 -9.99 3.69
CA LYS E 116 -29.53 -10.67 4.51
C LYS E 116 -29.46 -12.20 4.34
N ARG E 117 -28.24 -12.73 4.39
CA ARG E 117 -28.02 -14.16 4.30
C ARG E 117 -26.99 -14.57 5.34
N VAL E 118 -26.97 -15.86 5.66
CA VAL E 118 -25.91 -16.43 6.50
C VAL E 118 -24.96 -17.31 5.72
N THR E 119 -25.33 -17.75 4.53
CA THR E 119 -24.49 -18.61 3.71
C THR E 119 -23.62 -17.75 2.80
N ILE E 120 -22.34 -18.03 2.77
CA ILE E 120 -21.47 -17.36 1.83
C ILE E 120 -21.64 -17.97 0.46
N MET E 121 -21.60 -17.15 -0.57
CA MET E 121 -21.79 -17.54 -1.95
C MET E 121 -20.58 -17.05 -2.75
N PRO E 122 -20.35 -17.60 -3.95
CA PRO E 122 -19.23 -17.08 -4.77
C PRO E 122 -19.40 -15.63 -5.19
N LYS E 123 -20.63 -15.12 -5.28
CA LYS E 123 -20.81 -13.70 -5.56
C LYS E 123 -20.36 -12.84 -4.38
N ASP E 124 -20.44 -13.36 -3.16
CA ASP E 124 -19.92 -12.64 -2.01
C ASP E 124 -18.40 -12.58 -2.04
N ILE E 125 -17.75 -13.66 -2.49
CA ILE E 125 -16.30 -13.65 -2.66
C ILE E 125 -15.90 -12.68 -3.77
N GLN E 126 -16.70 -12.63 -4.84
CA GLN E 126 -16.42 -11.71 -5.94
C GLN E 126 -16.58 -10.25 -5.52
N LEU E 127 -17.63 -9.95 -4.75
CA LEU E 127 -17.85 -8.59 -4.28
C LEU E 127 -16.78 -8.17 -3.28
N ALA E 128 -16.35 -9.09 -2.41
CA ALA E 128 -15.26 -8.77 -1.48
C ALA E 128 -13.95 -8.54 -2.21
N ARG E 129 -13.65 -9.36 -3.21
CA ARG E 129 -12.44 -9.17 -4.00
C ARG E 129 -12.50 -7.93 -4.88
N ARG E 130 -13.69 -7.46 -5.23
CA ARG E 130 -13.82 -6.26 -6.05
C ARG E 130 -13.75 -4.98 -5.23
N ILE E 131 -14.45 -4.93 -4.08
CA ILE E 131 -14.35 -3.76 -3.21
C ILE E 131 -12.97 -3.68 -2.58
N ARG E 132 -12.32 -4.83 -2.33
CA ARG E 132 -10.94 -4.84 -1.88
C ARG E 132 -9.97 -4.32 -2.94
N GLY E 133 -10.35 -4.34 -4.21
CA GLY E 133 -9.52 -3.82 -5.27
C GLY E 133 -8.59 -4.83 -5.90
N GLU E 134 -9.03 -6.07 -6.07
CA GLU E 134 -8.21 -7.10 -6.69
C GLU E 134 -8.72 -7.51 -8.06
N ARG E 135 -9.93 -7.13 -8.42
CA ARG E 135 -10.48 -7.44 -9.73
C ARG E 135 -10.74 -6.18 -10.53
N LYS F 17 19.33 -44.23 -13.48
CA LYS F 17 19.11 -43.84 -12.11
C LYS F 17 18.41 -42.49 -12.02
N ARG F 18 17.50 -42.23 -12.94
CA ARG F 18 16.76 -40.98 -12.98
C ARG F 18 15.26 -41.21 -12.78
N HIS F 19 14.67 -40.45 -11.87
CA HIS F 19 13.24 -40.57 -11.58
C HIS F 19 12.58 -39.20 -11.52
N ARG F 20 12.98 -38.31 -12.43
CA ARG F 20 12.41 -36.98 -12.48
C ARG F 20 10.89 -37.01 -12.41
N LYS F 21 10.33 -36.27 -11.47
CA LYS F 21 8.89 -36.24 -11.22
C LYS F 21 8.36 -34.85 -11.52
N VAL F 22 7.34 -34.78 -12.38
CA VAL F 22 6.60 -33.54 -12.64
C VAL F 22 5.17 -33.76 -12.18
N LEU F 23 4.61 -32.77 -11.51
CA LEU F 23 3.34 -32.89 -10.81
C LEU F 23 2.20 -32.30 -11.64
N ARG F 24 0.99 -32.83 -11.41
CA ARG F 24 -0.19 -32.39 -12.12
C ARG F 24 -1.42 -32.56 -11.24
N ASP F 25 -2.29 -31.55 -11.28
CA ASP F 25 -3.60 -31.51 -10.62
C ASP F 25 -3.50 -31.77 -9.11
N ASN F 26 -2.72 -30.93 -8.45
CA ASN F 26 -2.59 -30.98 -7.00
C ASN F 26 -3.50 -29.97 -6.32
N ILE F 27 -4.43 -29.36 -7.05
CA ILE F 27 -5.35 -28.42 -6.44
C ILE F 27 -6.42 -29.15 -5.63
N GLN F 28 -6.63 -30.43 -5.89
CA GLN F 28 -7.63 -31.18 -5.14
C GLN F 28 -7.12 -31.66 -3.80
N GLY F 29 -5.84 -31.45 -3.48
CA GLY F 29 -5.33 -31.78 -2.17
C GLY F 29 -5.86 -30.87 -1.08
N ILE F 30 -6.26 -29.65 -1.46
CA ILE F 30 -6.92 -28.74 -0.53
C ILE F 30 -8.37 -29.18 -0.46
N THR F 31 -8.69 -30.05 0.50
CA THR F 31 -9.98 -30.72 0.49
C THR F 31 -11.09 -29.80 0.98
N LYS F 32 -12.32 -30.24 0.75
CA LYS F 32 -13.48 -29.53 1.27
C LYS F 32 -13.55 -29.48 2.80
N PRO F 33 -13.17 -30.50 3.58
CA PRO F 33 -12.98 -30.26 5.03
C PRO F 33 -11.88 -29.26 5.34
N ALA F 34 -10.79 -29.27 4.58
CA ALA F 34 -9.70 -28.35 4.83
C ALA F 34 -10.06 -26.92 4.48
N ILE F 35 -11.04 -26.73 3.59
CA ILE F 35 -11.53 -25.39 3.28
C ILE F 35 -12.61 -24.98 4.26
N ARG F 36 -13.43 -25.94 4.72
CA ARG F 36 -14.44 -25.65 5.72
C ARG F 36 -13.83 -25.24 7.04
N ARG F 37 -12.67 -25.80 7.40
CA ARG F 37 -12.00 -25.34 8.63
C ARG F 37 -11.42 -23.93 8.48
N LEU F 38 -10.89 -23.60 7.30
CA LEU F 38 -10.40 -22.25 7.04
C LEU F 38 -11.53 -21.23 7.07
N ALA F 39 -12.72 -21.61 6.61
CA ALA F 39 -13.87 -20.74 6.77
C ALA F 39 -14.38 -20.72 8.20
N ARG F 40 -14.19 -21.79 8.97
CA ARG F 40 -14.59 -21.81 10.37
C ARG F 40 -13.74 -20.86 11.21
N ARG F 41 -12.47 -20.70 10.86
CA ARG F 41 -11.66 -19.73 11.59
C ARG F 41 -12.08 -18.31 11.29
N GLY F 42 -12.55 -18.04 10.07
CA GLY F 42 -13.00 -16.72 9.69
C GLY F 42 -14.36 -16.34 10.22
N GLY F 43 -15.08 -17.26 10.83
CA GLY F 43 -16.38 -16.96 11.39
C GLY F 43 -17.56 -17.31 10.52
N VAL F 44 -17.39 -18.19 9.54
CA VAL F 44 -18.46 -18.55 8.63
C VAL F 44 -19.25 -19.71 9.24
N LYS F 45 -20.57 -19.59 9.22
CA LYS F 45 -21.47 -20.60 9.76
C LYS F 45 -22.03 -21.53 8.70
N ARG F 46 -22.49 -20.97 7.58
CA ARG F 46 -23.03 -21.75 6.46
C ARG F 46 -22.17 -21.48 5.23
N ILE F 47 -21.78 -22.56 4.54
CA ILE F 47 -20.92 -22.47 3.36
C ILE F 47 -21.64 -23.17 2.21
N SER F 48 -21.82 -22.48 1.10
CA SER F 48 -22.52 -23.07 -0.03
C SER F 48 -21.64 -24.10 -0.73
N GLY F 49 -22.27 -24.87 -1.62
CA GLY F 49 -21.55 -25.95 -2.29
C GLY F 49 -20.60 -25.46 -3.36
N LEU F 50 -20.90 -24.33 -3.99
CA LEU F 50 -20.07 -23.77 -5.05
C LEU F 50 -18.87 -22.99 -4.53
N ILE F 51 -18.66 -22.98 -3.21
CA ILE F 51 -17.60 -22.17 -2.62
C ILE F 51 -16.24 -22.78 -2.91
N TYR F 52 -16.16 -24.11 -2.97
CA TYR F 52 -14.87 -24.79 -2.84
C TYR F 52 -14.02 -24.65 -4.10
N GLU F 53 -14.62 -24.75 -5.28
CA GLU F 53 -13.84 -24.56 -6.51
C GLU F 53 -13.43 -23.11 -6.71
N GLU F 54 -14.30 -22.16 -6.35
CA GLU F 54 -13.95 -20.74 -6.39
C GLU F 54 -12.84 -20.42 -5.41
N THR F 55 -12.87 -21.04 -4.23
CA THR F 55 -11.85 -20.85 -3.22
C THR F 55 -10.52 -21.45 -3.65
N ARG F 56 -10.56 -22.61 -4.33
CA ARG F 56 -9.34 -23.19 -4.88
C ARG F 56 -8.75 -22.31 -5.97
N GLY F 57 -9.59 -21.74 -6.83
CA GLY F 57 -9.08 -20.81 -7.83
C GLY F 57 -8.51 -19.54 -7.25
N VAL F 58 -9.14 -19.01 -6.21
CA VAL F 58 -8.65 -17.83 -5.51
C VAL F 58 -7.31 -18.11 -4.84
N LEU F 59 -7.21 -19.26 -4.17
CA LEU F 59 -5.95 -19.66 -3.55
C LEU F 59 -4.87 -19.92 -4.59
N LYS F 60 -5.24 -20.44 -5.76
CA LYS F 60 -4.25 -20.72 -6.78
C LYS F 60 -3.73 -19.44 -7.43
N VAL F 61 -4.61 -18.46 -7.66
CA VAL F 61 -4.11 -17.20 -8.22
C VAL F 61 -3.35 -16.39 -7.18
N PHE F 62 -3.69 -16.52 -5.89
CA PHE F 62 -2.90 -15.88 -4.85
C PHE F 62 -1.51 -16.50 -4.75
N LEU F 63 -1.45 -17.84 -4.78
CA LEU F 63 -0.15 -18.51 -4.74
C LEU F 63 0.64 -18.27 -6.02
N GLU F 64 -0.03 -18.08 -7.15
CA GLU F 64 0.68 -17.71 -8.37
C GLU F 64 1.31 -16.33 -8.26
N ASN F 65 0.55 -15.37 -7.72
CA ASN F 65 1.08 -14.02 -7.49
C ASN F 65 2.24 -14.01 -6.51
N VAL F 66 2.17 -14.84 -5.46
CA VAL F 66 3.24 -14.84 -4.46
C VAL F 66 4.44 -15.63 -4.95
N ILE F 67 4.20 -16.78 -5.60
CA ILE F 67 5.27 -17.69 -5.97
C ILE F 67 6.03 -17.16 -7.18
N ARG F 68 5.35 -16.44 -8.10
CA ARG F 68 6.05 -15.79 -9.20
C ARG F 68 7.02 -14.74 -8.70
N ASP F 69 6.59 -13.95 -7.71
CA ASP F 69 7.49 -12.98 -7.11
C ASP F 69 8.62 -13.66 -6.35
N ALA F 70 8.33 -14.77 -5.66
CA ALA F 70 9.37 -15.47 -4.91
C ALA F 70 10.39 -16.15 -5.80
N VAL F 71 9.94 -16.75 -6.91
CA VAL F 71 10.86 -17.36 -7.86
C VAL F 71 11.69 -16.29 -8.56
N THR F 72 11.10 -15.11 -8.82
CA THR F 72 11.87 -14.00 -9.35
C THR F 72 12.91 -13.50 -8.35
N TYR F 73 12.55 -13.44 -7.07
CA TYR F 73 13.48 -13.05 -6.01
C TYR F 73 14.62 -14.05 -5.87
N THR F 74 14.34 -15.34 -6.04
CA THR F 74 15.37 -16.35 -5.85
C THR F 74 16.15 -16.68 -7.12
N GLU F 75 15.71 -16.25 -8.30
CA GLU F 75 16.57 -16.39 -9.46
C GLU F 75 17.35 -15.11 -9.70
N HIS F 76 16.94 -14.00 -9.10
CA HIS F 76 17.86 -12.87 -9.00
C HIS F 76 19.01 -13.19 -8.06
N ALA F 77 18.77 -14.05 -7.07
CA ALA F 77 19.81 -14.50 -6.16
C ALA F 77 20.67 -15.62 -6.73
N LYS F 78 20.36 -16.08 -7.95
CA LYS F 78 21.08 -17.15 -8.65
C LYS F 78 21.06 -18.46 -7.86
N ARG F 79 20.02 -18.68 -7.09
CA ARG F 79 19.84 -19.91 -6.33
C ARG F 79 18.75 -20.76 -6.95
N LYS F 80 18.95 -22.07 -6.91
CA LYS F 80 17.97 -23.01 -7.41
C LYS F 80 16.92 -23.38 -6.36
N THR F 81 17.06 -22.89 -5.13
CA THR F 81 16.08 -23.19 -4.09
C THR F 81 15.36 -21.92 -3.66
N VAL F 82 14.15 -22.11 -3.14
CA VAL F 82 13.36 -21.01 -2.61
C VAL F 82 13.50 -20.97 -1.10
N THR F 83 14.04 -19.87 -0.57
CA THR F 83 14.15 -19.71 0.87
C THR F 83 12.84 -19.13 1.42
N ALA F 84 12.76 -19.05 2.74
CA ALA F 84 11.59 -18.42 3.36
C ALA F 84 11.68 -16.91 3.31
N MET F 85 12.89 -16.36 3.21
CA MET F 85 13.05 -14.92 3.07
C MET F 85 12.50 -14.42 1.75
N ASP F 86 12.61 -15.22 0.68
CA ASP F 86 12.00 -14.87 -0.59
C ASP F 86 10.49 -14.80 -0.50
N VAL F 87 9.87 -15.70 0.26
CA VAL F 87 8.43 -15.62 0.50
C VAL F 87 8.08 -14.39 1.31
N VAL F 88 8.90 -14.06 2.31
CA VAL F 88 8.63 -12.89 3.16
C VAL F 88 8.73 -11.60 2.34
N TYR F 89 9.74 -11.50 1.47
CA TYR F 89 9.87 -10.31 0.63
C TYR F 89 8.78 -10.24 -0.43
N ALA F 90 8.38 -11.39 -0.98
CA ALA F 90 7.29 -11.42 -1.94
C ALA F 90 5.95 -11.08 -1.32
N LEU F 91 5.79 -11.32 -0.02
CA LEU F 91 4.57 -10.93 0.67
C LEU F 91 4.59 -9.47 1.08
N LYS F 92 5.77 -8.93 1.43
CA LYS F 92 5.87 -7.52 1.73
C LYS F 92 5.69 -6.67 0.48
N ARG F 93 6.12 -7.20 -0.68
CA ARG F 93 5.97 -6.53 -1.97
C ARG F 93 4.51 -6.26 -2.30
N GLN F 94 3.62 -7.18 -1.90
CA GLN F 94 2.20 -7.05 -2.16
C GLN F 94 1.44 -6.45 -0.98
N GLY F 95 2.14 -5.96 0.04
CA GLY F 95 1.49 -5.38 1.19
C GLY F 95 0.77 -6.39 2.07
N ARG F 96 1.39 -7.54 2.30
CA ARG F 96 0.85 -8.62 3.12
C ARG F 96 1.92 -9.14 4.07
N THR F 97 2.52 -8.22 4.83
CA THR F 97 3.69 -8.46 5.66
C THR F 97 3.47 -9.59 6.66
N LEU F 98 4.45 -10.48 6.76
CA LEU F 98 4.38 -11.70 7.56
C LEU F 98 5.44 -11.66 8.64
N TYR F 99 5.04 -11.96 9.88
CA TYR F 99 5.94 -11.98 11.02
C TYR F 99 6.21 -13.42 11.44
N GLY F 100 7.45 -13.68 11.84
CA GLY F 100 7.82 -14.97 12.38
C GLY F 100 8.75 -15.80 11.51
N PHE F 101 9.27 -15.24 10.42
CA PHE F 101 10.13 -16.00 9.53
C PHE F 101 11.38 -15.23 9.13
N GLY F 102 11.78 -14.23 9.90
CA GLY F 102 12.91 -13.38 9.55
C GLY F 102 12.45 -12.08 8.93
N GLY F 103 13.42 -11.19 8.73
CA GLY F 103 13.14 -9.89 8.14
C GLY F 103 14.09 -8.81 8.61
N LYS G 31 40.49 21.94 -24.46
CA LYS G 31 41.15 20.81 -25.13
C LYS G 31 40.28 20.22 -26.23
N ALA G 32 40.92 19.83 -27.33
CA ALA G 32 40.20 19.19 -28.42
C ALA G 32 39.84 17.75 -28.07
N ARG G 33 38.56 17.43 -28.17
CA ARG G 33 38.05 16.10 -27.86
C ARG G 33 37.79 15.31 -29.13
N ALA G 34 37.14 14.17 -28.97
CA ALA G 34 36.54 13.45 -30.09
C ALA G 34 35.16 14.02 -30.36
N LYS G 35 34.36 13.32 -31.16
CA LYS G 35 33.01 13.77 -31.45
C LYS G 35 32.11 13.57 -30.25
N ALA G 36 31.35 14.59 -29.90
CA ALA G 36 30.42 14.50 -28.78
C ALA G 36 29.15 13.78 -29.21
N LYS G 37 28.65 12.92 -28.33
CA LYS G 37 27.47 12.11 -28.63
C LYS G 37 26.84 11.72 -27.31
N THR G 38 25.56 12.05 -27.14
CA THR G 38 24.88 11.77 -25.89
C THR G 38 24.67 10.28 -25.70
N ARG G 39 24.56 9.85 -24.44
CA ARG G 39 24.35 8.45 -24.12
C ARG G 39 22.96 7.98 -24.50
N SER G 40 21.99 8.89 -24.62
CA SER G 40 20.68 8.49 -25.11
C SER G 40 20.68 8.28 -26.61
N SER G 41 21.67 8.82 -27.33
CA SER G 41 21.78 8.60 -28.77
C SER G 41 22.50 7.30 -29.09
N ARG G 42 23.39 6.84 -28.20
CA ARG G 42 24.04 5.55 -28.41
C ARG G 42 23.06 4.41 -28.28
N ALA G 43 22.09 4.52 -27.38
CA ALA G 43 21.09 3.48 -27.17
C ALA G 43 19.88 3.64 -28.08
N GLY G 44 19.84 4.68 -28.89
CA GLY G 44 18.68 4.92 -29.73
C GLY G 44 17.45 5.33 -28.95
N LEU G 45 17.62 6.14 -27.91
CA LEU G 45 16.52 6.51 -27.03
C LEU G 45 16.21 8.00 -27.17
N GLN G 46 14.97 8.34 -26.84
CA GLN G 46 14.55 9.73 -26.74
C GLN G 46 14.68 10.27 -25.33
N PHE G 47 14.52 9.41 -24.32
CA PHE G 47 14.62 9.75 -22.92
C PHE G 47 16.09 9.86 -22.50
N PRO G 48 16.41 10.79 -21.59
CA PRO G 48 17.83 11.06 -21.29
C PRO G 48 18.43 9.99 -20.41
N VAL G 49 19.58 9.45 -20.84
CA VAL G 49 20.30 8.50 -20.01
C VAL G 49 21.02 9.23 -18.89
N GLY G 50 21.58 10.40 -19.18
CA GLY G 50 22.37 11.12 -18.19
C GLY G 50 21.53 11.68 -17.06
N ARG G 51 20.32 12.14 -17.35
CA ARG G 51 19.45 12.66 -16.31
C ARG G 51 18.94 11.55 -15.40
N VAL G 52 18.65 10.38 -15.96
CA VAL G 52 18.22 9.25 -15.15
C VAL G 52 19.39 8.72 -14.31
N HIS G 53 20.60 8.76 -14.84
CA HIS G 53 21.78 8.42 -14.04
C HIS G 53 22.00 9.42 -12.91
N ARG G 54 21.79 10.71 -13.16
CA ARG G 54 21.89 11.73 -12.13
C ARG G 54 20.83 11.55 -11.05
N LEU G 55 19.59 11.29 -11.44
CA LEU G 55 18.51 11.08 -10.49
C LEU G 55 18.64 9.76 -9.74
N LEU G 56 19.35 8.79 -10.28
CA LEU G 56 19.65 7.57 -9.55
C LEU G 56 20.79 7.76 -8.56
N ARG G 57 21.81 8.53 -8.95
CA ARG G 57 22.94 8.75 -8.04
C ARG G 57 22.58 9.70 -6.91
N LYS G 58 21.71 10.68 -7.15
CA LYS G 58 21.31 11.61 -6.10
C LYS G 58 19.96 11.27 -5.50
N GLY G 59 19.46 10.06 -5.70
CA GLY G 59 18.19 9.64 -5.16
C GLY G 59 18.26 8.74 -3.95
N ASN G 60 19.47 8.42 -3.48
CA ASN G 60 19.73 7.57 -2.30
C ASN G 60 19.10 6.20 -2.45
N TYR G 61 19.60 5.44 -3.41
CA TYR G 61 19.17 4.07 -3.64
C TYR G 61 20.27 3.06 -3.38
N SER G 62 21.50 3.36 -3.77
CA SER G 62 22.65 2.51 -3.48
C SER G 62 23.90 3.39 -3.52
N GLU G 63 25.03 2.81 -3.12
CA GLU G 63 26.27 3.56 -3.25
C GLU G 63 26.76 3.57 -4.69
N ARG G 64 26.40 2.55 -5.46
CA ARG G 64 26.84 2.41 -6.82
C ARG G 64 25.66 2.17 -7.74
N VAL G 65 25.75 2.70 -8.96
CA VAL G 65 24.77 2.47 -10.01
C VAL G 65 25.53 2.05 -11.26
N GLY G 66 25.20 0.87 -11.79
CA GLY G 66 25.89 0.38 -12.97
C GLY G 66 25.54 1.16 -14.23
N ALA G 67 26.34 0.95 -15.26
CA ALA G 67 26.18 1.73 -16.49
C ALA G 67 24.98 1.30 -17.30
N GLY G 68 24.58 0.04 -17.23
CA GLY G 68 23.41 -0.39 -17.95
C GLY G 68 22.09 -0.09 -17.27
N ALA G 69 22.15 0.29 -15.99
CA ALA G 69 20.94 0.62 -15.26
C ALA G 69 20.20 1.85 -15.79
N PRO G 70 20.85 3.03 -16.08
CA PRO G 70 20.06 4.14 -16.60
C PRO G 70 19.59 3.93 -18.02
N VAL G 71 20.37 3.21 -18.82
CA VAL G 71 19.95 2.87 -20.18
C VAL G 71 18.73 1.97 -20.16
N TYR G 72 18.75 0.96 -19.28
CA TYR G 72 17.61 0.06 -19.13
C TYR G 72 16.39 0.79 -18.60
N LEU G 73 16.58 1.66 -17.60
CA LEU G 73 15.47 2.36 -16.99
C LEU G 73 14.88 3.40 -17.91
N ALA G 74 15.71 4.10 -18.68
CA ALA G 74 15.22 5.05 -19.66
C ALA G 74 14.51 4.36 -20.81
N ALA G 75 14.98 3.17 -21.21
CA ALA G 75 14.25 2.42 -22.24
C ALA G 75 12.90 1.95 -21.74
N VAL G 76 12.82 1.52 -20.48
CA VAL G 76 11.54 1.11 -19.91
C VAL G 76 10.59 2.30 -19.76
N LEU G 77 11.14 3.46 -19.37
CA LEU G 77 10.32 4.66 -19.22
C LEU G 77 9.83 5.20 -20.57
N GLU G 78 10.68 5.13 -21.60
CA GLU G 78 10.25 5.56 -22.93
C GLU G 78 9.22 4.60 -23.50
N TYR G 79 9.38 3.30 -23.26
CA TYR G 79 8.37 2.33 -23.71
C TYR G 79 7.04 2.55 -23.01
N LEU G 80 7.07 2.85 -21.71
CA LEU G 80 5.83 3.07 -20.98
C LEU G 80 5.16 4.39 -21.40
N THR G 81 5.95 5.44 -21.61
CA THR G 81 5.38 6.71 -22.05
C THR G 81 4.84 6.61 -23.48
N ALA G 82 5.48 5.81 -24.34
CA ALA G 82 4.95 5.58 -25.68
C ALA G 82 3.70 4.72 -25.65
N GLU G 83 3.63 3.75 -24.73
CA GLU G 83 2.44 2.91 -24.58
C GLU G 83 1.25 3.74 -24.10
N ILE G 84 1.52 4.71 -23.23
CA ILE G 84 0.47 5.64 -22.81
C ILE G 84 0.03 6.56 -23.95
N LEU G 85 0.98 7.21 -24.61
CA LEU G 85 0.65 8.21 -25.62
C LEU G 85 0.04 7.61 -26.88
N GLU G 86 0.40 6.37 -27.23
CA GLU G 86 -0.16 5.73 -28.40
C GLU G 86 -1.63 5.40 -28.23
N LEU G 87 -2.11 5.23 -26.99
CA LEU G 87 -3.54 5.06 -26.76
C LEU G 87 -4.23 6.38 -26.46
N ALA G 88 -3.50 7.34 -25.89
CA ALA G 88 -4.08 8.66 -25.67
C ALA G 88 -4.35 9.39 -26.99
N GLY G 89 -3.45 9.26 -27.96
CA GLY G 89 -3.70 9.80 -29.27
C GLY G 89 -4.85 9.13 -29.99
N ASN G 90 -5.04 7.83 -29.74
CA ASN G 90 -6.20 7.14 -30.31
C ASN G 90 -7.50 7.60 -29.68
N ALA G 91 -7.50 7.87 -28.37
CA ALA G 91 -8.68 8.44 -27.73
C ALA G 91 -8.96 9.85 -28.22
N ALA G 92 -7.92 10.65 -28.45
CA ALA G 92 -8.09 12.00 -28.97
C ALA G 92 -8.62 11.98 -30.40
N ARG G 93 -8.12 11.06 -31.21
CA ARG G 93 -8.60 10.95 -32.59
C ARG G 93 -10.00 10.37 -32.66
N ASP G 94 -10.36 9.50 -31.70
CA ASP G 94 -11.73 9.00 -31.64
C ASP G 94 -12.69 10.10 -31.21
N ASN G 95 -12.23 11.04 -30.40
CA ASN G 95 -13.10 12.12 -29.95
C ASN G 95 -12.99 13.35 -30.85
N LYS G 96 -12.51 13.19 -32.09
CA LYS G 96 -12.37 14.25 -33.09
C LYS G 96 -11.50 15.42 -32.59
N LYS G 97 -10.40 15.11 -31.93
CA LYS G 97 -9.56 16.13 -31.34
C LYS G 97 -8.10 15.92 -31.76
N THR G 98 -7.41 17.03 -32.02
CA THR G 98 -6.01 17.00 -32.42
C THR G 98 -5.09 17.38 -31.27
N ARG G 99 -5.54 17.24 -30.03
CA ARG G 99 -4.74 17.62 -28.88
C ARG G 99 -5.12 16.77 -27.69
N ILE G 100 -4.12 16.34 -26.92
CA ILE G 100 -4.33 15.46 -25.79
C ILE G 100 -4.62 16.30 -24.55
N ILE G 101 -5.72 16.00 -23.88
CA ILE G 101 -6.10 16.63 -22.63
C ILE G 101 -6.01 15.55 -21.54
N PRO G 102 -6.10 15.88 -20.25
CA PRO G 102 -6.10 14.82 -19.22
C PRO G 102 -7.20 13.78 -19.32
N ARG G 103 -8.35 14.12 -19.90
CA ARG G 103 -9.41 13.14 -20.10
C ARG G 103 -8.96 12.04 -21.06
N HIS G 104 -8.16 12.39 -22.06
CA HIS G 104 -7.62 11.39 -22.97
C HIS G 104 -6.62 10.47 -22.30
N LEU G 105 -5.83 10.98 -21.36
CA LEU G 105 -4.91 10.13 -20.60
C LEU G 105 -5.66 9.18 -19.68
N GLN G 106 -6.72 9.67 -19.02
CA GLN G 106 -7.55 8.78 -18.20
C GLN G 106 -8.26 7.72 -19.03
N LEU G 107 -8.75 8.10 -20.22
CA LEU G 107 -9.38 7.14 -21.11
C LEU G 107 -8.39 6.12 -21.64
N ALA G 108 -7.14 6.52 -21.84
CA ALA G 108 -6.13 5.57 -22.29
C ALA G 108 -5.71 4.62 -21.17
N ILE G 109 -5.66 5.11 -19.94
CA ILE G 109 -5.17 4.29 -18.84
C ILE G 109 -6.23 3.30 -18.36
N ARG G 110 -7.45 3.77 -18.12
CA ARG G 110 -8.44 2.89 -17.51
C ARG G 110 -9.08 1.93 -18.50
N ASN G 111 -8.86 2.09 -19.80
CA ASN G 111 -9.36 1.15 -20.78
C ASN G 111 -8.40 0.01 -21.07
N ASP G 112 -7.09 0.27 -21.03
CA ASP G 112 -6.09 -0.78 -21.15
C ASP G 112 -6.19 -1.71 -19.95
N GLU G 113 -6.07 -3.01 -20.22
CA GLU G 113 -6.28 -3.99 -19.17
C GLU G 113 -5.09 -4.03 -18.23
N GLU G 114 -3.88 -3.85 -18.74
CA GLU G 114 -2.69 -4.05 -17.94
C GLU G 114 -2.03 -2.75 -17.51
N LEU G 115 -2.36 -1.62 -18.12
CA LEU G 115 -1.98 -0.33 -17.57
C LEU G 115 -2.82 0.05 -16.37
N ASN G 116 -4.03 -0.52 -16.25
CA ASN G 116 -4.88 -0.25 -15.10
C ASN G 116 -4.37 -0.96 -13.86
N LYS G 117 -3.62 -2.04 -14.00
CA LYS G 117 -2.99 -2.66 -12.84
C LYS G 117 -1.79 -1.87 -12.36
N LEU G 118 -1.10 -1.20 -13.27
CA LEU G 118 0.05 -0.39 -12.91
C LEU G 118 -0.38 0.91 -12.25
N LEU G 119 -1.54 1.44 -12.63
CA LEU G 119 -2.01 2.73 -12.13
C LEU G 119 -3.40 2.59 -11.53
N GLY G 120 -3.60 1.61 -10.67
CA GLY G 120 -4.90 1.44 -10.04
C GLY G 120 -5.14 2.36 -8.87
N ARG G 121 -4.07 2.75 -8.17
CA ARG G 121 -4.16 3.65 -7.02
C ARG G 121 -3.72 5.06 -7.36
N VAL G 122 -3.98 5.52 -8.58
CA VAL G 122 -3.52 6.80 -9.07
C VAL G 122 -4.72 7.64 -9.47
N THR G 123 -4.78 8.87 -8.98
CA THR G 123 -5.81 9.83 -9.33
C THR G 123 -5.26 10.80 -10.38
N ILE G 124 -6.03 11.01 -11.45
CA ILE G 124 -5.68 11.96 -12.49
C ILE G 124 -6.58 13.18 -12.36
N ALA G 125 -5.97 14.36 -12.31
CA ALA G 125 -6.73 15.60 -12.17
C ALA G 125 -7.34 16.00 -13.50
N GLN G 126 -8.58 16.50 -13.44
CA GLN G 126 -9.41 16.86 -14.60
C GLN G 126 -9.59 15.69 -15.55
N GLY G 127 -9.64 14.47 -15.02
CA GLY G 127 -9.63 13.28 -15.85
C GLY G 127 -10.95 12.58 -15.90
N GLY G 128 -11.75 12.72 -14.86
CA GLY G 128 -13.04 12.07 -14.83
C GLY G 128 -12.93 10.56 -14.67
N VAL G 129 -14.04 9.90 -14.92
CA VAL G 129 -14.12 8.44 -14.86
C VAL G 129 -14.51 7.92 -16.23
N LEU G 130 -14.44 6.60 -16.38
CA LEU G 130 -14.92 5.96 -17.60
C LEU G 130 -16.45 6.03 -17.64
N PRO G 131 -17.03 6.10 -18.83
CA PRO G 131 -18.48 5.92 -18.94
C PRO G 131 -18.86 4.49 -18.60
N ASN G 132 -19.44 4.30 -17.43
CA ASN G 132 -19.58 2.96 -16.86
C ASN G 132 -20.88 2.94 -16.04
N ILE G 133 -21.96 2.52 -16.68
CA ILE G 133 -23.24 2.33 -16.03
C ILE G 133 -23.45 0.83 -15.85
N GLN G 134 -23.81 0.42 -14.64
CA GLN G 134 -24.07 -0.99 -14.39
C GLN G 134 -25.32 -1.44 -15.13
N ALA G 135 -25.34 -2.74 -15.48
CA ALA G 135 -26.40 -3.26 -16.32
C ALA G 135 -27.75 -3.36 -15.59
N VAL G 136 -27.74 -3.34 -14.26
CA VAL G 136 -28.99 -3.35 -13.52
C VAL G 136 -29.63 -1.97 -13.43
N LEU G 137 -28.86 -0.91 -13.63
CA LEU G 137 -29.40 0.45 -13.55
C LEU G 137 -30.01 0.93 -14.86
N LEU G 138 -29.77 0.23 -15.96
CA LEU G 138 -30.32 0.64 -17.24
C LEU G 138 -31.82 0.42 -17.26
N PRO G 139 -32.59 1.22 -18.01
CA PRO G 139 -34.04 1.06 -18.02
C PRO G 139 -34.47 -0.20 -18.76
N LYS G 140 -35.73 -0.55 -18.55
CA LYS G 140 -36.25 -1.85 -18.95
C LYS G 140 -37.04 -1.77 -20.25
N LYS H 31 16.74 34.21 -13.01
CA LYS H 31 17.20 34.55 -11.67
C LYS H 31 16.84 33.46 -10.66
N ARG H 32 15.70 32.82 -10.86
CA ARG H 32 15.23 31.79 -9.95
C ARG H 32 15.84 30.45 -10.33
N SER H 33 15.44 29.38 -9.64
CA SER H 33 15.94 28.06 -9.96
C SER H 33 15.25 27.50 -11.20
N ARG H 34 16.03 26.78 -12.01
CA ARG H 34 15.53 26.20 -13.24
C ARG H 34 14.67 24.99 -12.92
N LYS H 35 13.48 24.96 -13.47
CA LYS H 35 12.45 24.01 -13.05
C LYS H 35 12.57 22.79 -13.95
N GLU H 36 13.41 21.84 -13.58
CA GLU H 36 13.68 20.71 -14.45
C GLU H 36 12.46 19.80 -14.56
N SER H 37 12.33 19.17 -15.71
CA SER H 37 11.09 18.46 -16.03
C SER H 37 11.41 17.38 -17.05
N TYR H 38 10.35 16.73 -17.53
CA TYR H 38 10.44 15.72 -18.57
C TYR H 38 9.60 16.11 -19.78
N SER H 39 9.40 17.40 -20.00
CA SER H 39 8.38 17.85 -20.94
C SER H 39 8.83 17.74 -22.39
N VAL H 40 10.13 17.94 -22.65
CA VAL H 40 10.59 17.89 -24.03
C VAL H 40 10.70 16.44 -24.51
N TYR H 41 10.85 15.49 -23.60
CA TYR H 41 11.02 14.09 -23.99
C TYR H 41 9.69 13.43 -24.27
N VAL H 42 8.65 13.81 -23.54
CA VAL H 42 7.31 13.38 -23.87
C VAL H 42 6.86 14.02 -25.19
N TYR H 43 7.36 15.21 -25.49
CA TYR H 43 7.08 15.82 -26.78
C TYR H 43 7.84 15.14 -27.90
N LYS H 44 9.07 14.67 -27.64
CA LYS H 44 9.82 13.96 -28.66
C LYS H 44 9.21 12.60 -28.95
N VAL H 45 8.68 11.94 -27.93
CA VAL H 45 8.11 10.61 -28.12
C VAL H 45 6.77 10.71 -28.83
N LEU H 46 5.99 11.75 -28.54
CA LEU H 46 4.69 11.94 -29.16
C LEU H 46 4.79 12.17 -30.66
N LYS H 47 5.85 12.84 -31.11
CA LYS H 47 6.05 13.04 -32.54
C LYS H 47 6.48 11.77 -33.26
N GLN H 48 7.13 10.84 -32.55
CA GLN H 48 7.42 9.54 -33.13
C GLN H 48 6.18 8.68 -33.25
N VAL H 49 5.18 8.93 -32.40
CA VAL H 49 4.01 8.07 -32.33
C VAL H 49 2.87 8.69 -33.13
N HIS H 50 2.53 9.94 -32.82
CA HIS H 50 1.46 10.69 -33.48
C HIS H 50 2.01 12.03 -33.94
N PRO H 51 2.45 12.14 -35.20
CA PRO H 51 3.02 13.41 -35.66
C PRO H 51 1.98 14.49 -35.93
N ASP H 52 0.69 14.20 -35.77
CA ASP H 52 -0.37 15.16 -36.01
C ASP H 52 -1.05 15.63 -34.73
N THR H 53 -0.78 14.99 -33.59
CA THR H 53 -1.51 15.25 -32.35
C THR H 53 -0.64 16.08 -31.41
N GLY H 54 -1.22 17.15 -30.88
CA GLY H 54 -0.56 17.96 -29.88
C GLY H 54 -0.93 17.51 -28.47
N ILE H 55 -0.38 18.23 -27.50
CA ILE H 55 -0.61 17.91 -26.09
C ILE H 55 -0.82 19.23 -25.34
N SER H 56 -1.51 19.15 -24.21
CA SER H 56 -1.80 20.33 -23.41
C SER H 56 -0.63 20.65 -22.49
N SER H 57 -0.88 21.55 -21.54
CA SER H 57 0.07 21.76 -20.47
C SER H 57 -0.30 20.95 -19.23
N LYS H 58 -1.60 20.77 -19.00
CA LYS H 58 -2.07 19.93 -17.90
C LYS H 58 -1.73 18.47 -18.15
N ALA H 59 -1.96 17.98 -19.36
CA ALA H 59 -1.58 16.62 -19.73
C ALA H 59 -0.06 16.45 -19.71
N MET H 60 0.70 17.49 -20.02
CA MET H 60 2.15 17.40 -19.91
C MET H 60 2.59 17.29 -18.47
N GLY H 61 1.94 18.01 -17.55
CA GLY H 61 2.23 17.85 -16.14
C GLY H 61 1.85 16.49 -15.60
N ILE H 62 0.75 15.91 -16.11
CA ILE H 62 0.34 14.59 -15.68
C ILE H 62 1.31 13.52 -16.17
N MET H 63 1.77 13.63 -17.42
CA MET H 63 2.82 12.73 -17.91
C MET H 63 4.13 12.92 -17.17
N ASN H 64 4.43 14.16 -16.74
CA ASN H 64 5.59 14.41 -15.91
C ASN H 64 5.52 13.68 -14.58
N SER H 65 4.39 13.79 -13.89
CA SER H 65 4.21 13.06 -12.64
C SER H 65 4.16 11.55 -12.84
N PHE H 66 3.69 11.09 -14.00
CA PHE H 66 3.68 9.67 -14.33
C PHE H 66 5.10 9.10 -14.42
N VAL H 67 5.95 9.77 -15.20
CA VAL H 67 7.35 9.36 -15.32
C VAL H 67 8.07 9.47 -13.97
N ASN H 68 7.79 10.53 -13.21
CA ASN H 68 8.43 10.71 -11.91
C ASN H 68 7.96 9.71 -10.87
N ASP H 69 6.77 9.14 -11.02
CA ASP H 69 6.29 8.15 -10.08
C ASP H 69 6.80 6.75 -10.42
N ILE H 70 6.83 6.40 -11.69
CA ILE H 70 7.31 5.05 -12.03
C ILE H 70 8.83 4.96 -11.93
N PHE H 71 9.55 6.07 -12.14
CA PHE H 71 10.97 6.09 -11.83
C PHE H 71 11.23 5.83 -10.35
N GLU H 72 10.44 6.43 -9.47
CA GLU H 72 10.54 6.18 -8.03
C GLU H 72 10.22 4.74 -7.67
N ARG H 73 9.18 4.15 -8.26
CA ARG H 73 8.82 2.76 -7.98
C ARG H 73 9.94 1.81 -8.39
N ILE H 74 10.42 1.92 -9.62
CA ILE H 74 11.42 0.98 -10.13
C ILE H 74 12.75 1.17 -9.42
N ALA H 75 13.15 2.42 -9.15
CA ALA H 75 14.41 2.65 -8.46
C ALA H 75 14.39 2.22 -7.00
N GLY H 76 13.28 2.44 -6.30
CA GLY H 76 13.20 1.98 -4.92
C GLY H 76 13.17 0.47 -4.82
N GLU H 77 12.46 -0.19 -5.74
CA GLU H 77 12.38 -1.64 -5.65
C GLU H 77 13.69 -2.30 -6.09
N ALA H 78 14.40 -1.70 -7.03
CA ALA H 78 15.76 -2.17 -7.36
C ALA H 78 16.73 -1.93 -6.22
N SER H 79 16.58 -0.82 -5.49
CA SER H 79 17.43 -0.56 -4.33
C SER H 79 17.21 -1.59 -3.23
N ARG H 80 15.96 -1.95 -2.95
CA ARG H 80 15.74 -2.98 -1.95
C ARG H 80 16.10 -4.37 -2.45
N LEU H 81 16.07 -4.60 -3.77
CA LEU H 81 16.66 -5.82 -4.33
C LEU H 81 18.16 -5.88 -4.10
N ALA H 82 18.86 -4.76 -4.27
CA ALA H 82 20.29 -4.77 -3.99
C ALA H 82 20.57 -4.91 -2.50
N HIS H 83 19.66 -4.41 -1.66
CA HIS H 83 19.85 -4.53 -0.21
C HIS H 83 19.60 -5.95 0.28
N TYR H 84 18.66 -6.67 -0.35
CA TYR H 84 18.37 -8.05 0.09
C TYR H 84 19.54 -8.98 -0.19
N ASN H 85 20.07 -8.95 -1.41
CA ASN H 85 21.17 -9.83 -1.80
C ASN H 85 22.54 -9.28 -1.40
N LYS H 86 22.56 -8.20 -0.62
CA LYS H 86 23.76 -7.63 0.00
C LYS H 86 24.79 -7.16 -1.03
N ARG H 87 24.31 -6.79 -2.20
CA ARG H 87 25.12 -6.10 -3.19
C ARG H 87 25.07 -4.60 -2.92
N SER H 88 26.14 -3.92 -3.30
CA SER H 88 26.19 -2.46 -3.15
C SER H 88 26.15 -1.75 -4.48
N THR H 89 25.55 -2.37 -5.50
CA THR H 89 25.49 -1.81 -6.83
C THR H 89 24.14 -2.16 -7.45
N ILE H 90 23.44 -1.15 -7.95
CA ILE H 90 22.25 -1.36 -8.75
C ILE H 90 22.71 -1.50 -10.20
N THR H 91 22.54 -2.69 -10.75
CA THR H 91 23.00 -3.02 -12.09
C THR H 91 21.76 -3.25 -12.96
N SER H 92 21.99 -3.56 -14.23
CA SER H 92 20.91 -3.84 -15.18
C SER H 92 20.07 -5.05 -14.78
N ARG H 93 20.68 -6.02 -14.07
CA ARG H 93 19.92 -7.15 -13.56
C ARG H 93 18.90 -6.72 -12.52
N GLU H 94 19.26 -5.79 -11.65
CA GLU H 94 18.34 -5.31 -10.63
C GLU H 94 17.18 -4.54 -11.24
N ILE H 95 17.46 -3.75 -12.28
CA ILE H 95 16.40 -3.03 -12.98
C ILE H 95 15.50 -4.00 -13.71
N GLN H 96 16.07 -5.05 -14.30
CA GLN H 96 15.25 -6.05 -15.00
C GLN H 96 14.36 -6.83 -14.04
N THR H 97 14.92 -7.22 -12.89
CA THR H 97 14.13 -7.93 -11.88
C THR H 97 13.06 -7.02 -11.28
N ALA H 98 13.36 -5.73 -11.11
CA ALA H 98 12.37 -4.81 -10.58
C ALA H 98 11.25 -4.55 -11.58
N VAL H 99 11.58 -4.50 -12.87
CA VAL H 99 10.55 -4.40 -13.91
C VAL H 99 9.70 -5.65 -13.94
N ARG H 100 10.31 -6.83 -13.77
CA ARG H 100 9.55 -8.07 -13.74
C ARG H 100 8.66 -8.17 -12.50
N LEU H 101 9.11 -7.59 -11.38
CA LEU H 101 8.28 -7.59 -10.17
C LEU H 101 7.15 -6.58 -10.24
N LEU H 102 7.38 -5.42 -10.86
CA LEU H 102 6.43 -4.32 -10.84
C LEU H 102 5.44 -4.36 -12.00
N LEU H 103 5.93 -4.46 -13.22
CA LEU H 103 5.02 -4.36 -14.36
C LEU H 103 4.29 -5.69 -14.57
N PRO H 104 3.00 -5.65 -14.87
CA PRO H 104 2.23 -6.89 -14.98
C PRO H 104 2.14 -7.43 -16.41
N GLY H 105 2.21 -8.76 -16.56
CA GLY H 105 1.78 -9.41 -17.79
C GLY H 105 2.67 -9.13 -18.99
N GLU H 106 2.03 -8.71 -20.08
CA GLU H 106 2.69 -8.41 -21.35
C GLU H 106 3.68 -7.26 -21.23
N LEU H 107 3.37 -6.30 -20.36
CA LEU H 107 4.20 -5.11 -20.19
C LEU H 107 5.58 -5.44 -19.69
N ALA H 108 5.70 -6.44 -18.83
CA ALA H 108 7.00 -6.84 -18.29
C ALA H 108 7.91 -7.44 -19.36
N LYS H 109 7.38 -8.33 -20.20
CA LYS H 109 8.25 -8.91 -21.20
C LYS H 109 8.52 -7.95 -22.35
N HIS H 110 7.55 -7.09 -22.69
CA HIS H 110 7.84 -6.05 -23.68
C HIS H 110 8.85 -5.04 -23.16
N ALA H 111 8.79 -4.74 -21.86
CA ALA H 111 9.75 -3.85 -21.25
C ALA H 111 11.13 -4.47 -21.12
N VAL H 112 11.24 -5.77 -20.84
CA VAL H 112 12.58 -6.34 -20.76
C VAL H 112 13.17 -6.53 -22.15
N SER H 113 12.32 -6.71 -23.19
CA SER H 113 12.85 -6.68 -24.55
C SER H 113 13.36 -5.29 -24.91
N GLU H 114 12.57 -4.26 -24.63
CA GLU H 114 12.93 -2.88 -24.92
C GLU H 114 14.15 -2.44 -24.12
N GLY H 115 14.34 -2.98 -22.92
CA GLY H 115 15.51 -2.68 -22.12
C GLY H 115 16.75 -3.41 -22.57
N THR H 116 16.65 -4.72 -22.78
CA THR H 116 17.80 -5.51 -23.23
C THR H 116 18.28 -5.13 -24.61
N LYS H 117 17.36 -4.79 -25.54
CA LYS H 117 17.80 -4.38 -26.86
C LYS H 117 18.51 -3.03 -26.81
N ALA H 118 18.07 -2.13 -25.93
CA ALA H 118 18.78 -0.87 -25.75
C ALA H 118 20.11 -1.05 -25.04
N VAL H 119 20.21 -2.02 -24.13
CA VAL H 119 21.48 -2.29 -23.47
C VAL H 119 22.50 -2.88 -24.45
N THR H 120 22.05 -3.77 -25.34
CA THR H 120 22.96 -4.28 -26.38
C THR H 120 23.32 -3.21 -27.40
N LYS H 121 22.37 -2.35 -27.78
CA LYS H 121 22.68 -1.27 -28.71
C LYS H 121 23.59 -0.22 -28.08
N TYR H 122 23.55 -0.07 -26.76
CA TYR H 122 24.46 0.83 -26.07
C TYR H 122 25.83 0.19 -25.87
N THR H 123 25.89 -1.13 -25.71
CA THR H 123 27.17 -1.81 -25.53
C THR H 123 27.90 -2.06 -26.84
N SER H 124 27.19 -2.06 -27.98
CA SER H 124 27.88 -2.14 -29.26
C SER H 124 28.62 -0.85 -29.59
N ALA H 125 28.07 0.29 -29.18
CA ALA H 125 28.66 1.59 -29.46
C ALA H 125 29.63 1.99 -28.36
#